data_1FUP
#
_entry.id   1FUP
#
_cell.length_a   104.000
_cell.length_b   219.900
_cell.length_c   86.700
_cell.angle_alpha   90.00
_cell.angle_beta   90.00
_cell.angle_gamma   90.00
#
_symmetry.space_group_name_H-M   'C 2 2 21'
#
loop_
_entity.id
_entity.type
_entity.pdbx_description
1 polymer 'FUMARASE C'
2 non-polymer D-MALATE
3 non-polymer 'PYROMELLITIC ACID'
4 water water
#
_entity_poly.entity_id   1
_entity_poly.type   'polypeptide(L)'
_entity_poly.pdbx_seq_one_letter_code
;MNTVRSEKDSMGAIDVPADKLWGAQTQRSLEHFRISTEKMPTSLIHALALTKRAAAKVNEDLGLLSEEKASAIRQAADEV
LAGQHDDEFPLAIWQTGSGTQSNMNMNEVLANRASELLGGVRGMERKVHPNDDVNKSQSSNDVFPTAMHVAALLALRKQL
IPQLKTLTQTLNEKSRAFADIVKIGRTHLQDATPLTLGQEISGWVAMLEHNLKHIEYSLPHVAELALGGTAVGTGLNTHP
EYARRVADELAVITCAPFVTAPNKFEALATCDALVQAHGALKGLAASLMKIANDVRWLASGPRCGIGEISIPENEPGSSI
MPGKVNPTQCEALTMLCCQVMGNDVAINMGGASGNFELNVFRPMVIHNFLQSVRLLADGMESFNKHCAVGIEPNRERINQ
LLNESLMLVTALNTHIGYDKAAEIAKKAHKEGLTLKAAALALGYLSEAEFDSWVRPEQMVGSMKAGRHHHHH
;
_entity_poly.pdbx_strand_id   A,B
#
loop_
_chem_comp.id
_chem_comp.type
_chem_comp.name
_chem_comp.formula
MLT non-polymer D-MALATE 'C4 H6 O5'
PMA non-polymer 'PYROMELLITIC ACID' 'C10 H6 O8'
#
# COMPACT_ATOMS: atom_id res chain seq x y z
N ARG A 5 29.28 32.59 21.45
CA ARG A 5 30.67 32.03 21.50
C ARG A 5 31.15 31.83 20.08
N SER A 6 32.46 31.75 19.89
CA SER A 6 33.01 31.56 18.57
C SER A 6 33.71 30.21 18.47
N GLU A 7 33.11 29.31 17.70
CA GLU A 7 33.67 27.98 17.49
C GLU A 7 34.22 28.00 16.07
N LYS A 8 35.21 27.17 15.79
CA LYS A 8 35.76 27.15 14.45
C LYS A 8 36.18 25.77 14.00
N ASP A 9 36.36 25.63 12.69
CA ASP A 9 36.79 24.38 12.08
C ASP A 9 37.64 24.77 10.86
N SER A 10 37.87 23.81 9.97
CA SER A 10 38.67 24.05 8.77
C SER A 10 38.17 25.23 7.94
N MET A 11 36.85 25.35 7.79
CA MET A 11 36.29 26.45 7.02
C MET A 11 36.38 27.79 7.74
N GLY A 12 36.88 27.78 8.97
CA GLY A 12 36.99 29.02 9.73
C GLY A 12 36.12 29.02 10.96
N ALA A 13 35.87 30.21 11.50
CA ALA A 13 35.07 30.36 12.71
C ALA A 13 33.61 30.71 12.43
N ILE A 14 32.77 30.44 13.42
CA ILE A 14 31.35 30.71 13.34
C ILE A 14 30.80 30.82 14.75
N ASP A 15 29.86 31.74 14.93
CA ASP A 15 29.26 31.97 16.24
C ASP A 15 28.18 30.94 16.56
N VAL A 16 28.27 30.37 17.74
CA VAL A 16 27.30 29.39 18.21
C VAL A 16 26.69 29.94 19.51
N PRO A 17 25.40 29.66 19.76
CA PRO A 17 24.74 30.15 20.97
C PRO A 17 25.50 29.71 22.23
N ALA A 18 25.93 30.70 23.01
CA ALA A 18 26.70 30.50 24.23
C ALA A 18 26.21 29.42 25.19
N ASP A 19 24.91 29.36 25.40
CA ASP A 19 24.34 28.36 26.30
C ASP A 19 24.23 26.95 25.71
N LYS A 20 24.86 26.72 24.56
CA LYS A 20 24.83 25.42 23.92
C LYS A 20 26.20 24.75 23.93
N LEU A 21 26.19 23.43 23.95
CA LEU A 21 27.41 22.62 23.98
C LEU A 21 27.92 22.15 22.62
N TRP A 22 27.17 22.42 21.54
CA TRP A 22 27.59 21.97 20.21
C TRP A 22 28.64 22.88 19.57
N GLY A 23 29.31 22.39 18.53
CA GLY A 23 30.34 23.19 17.88
C GLY A 23 30.04 23.79 16.52
N ALA A 24 31.11 24.10 15.79
CA ALA A 24 31.03 24.72 14.47
C ALA A 24 30.37 23.85 13.40
N GLN A 25 30.78 22.59 13.29
CA GLN A 25 30.19 21.71 12.30
C GLN A 25 28.68 21.55 12.48
N THR A 26 28.21 21.53 13.73
CA THR A 26 26.78 21.41 14.00
C THR A 26 26.09 22.71 13.61
N GLN A 27 26.73 23.85 13.87
CA GLN A 27 26.16 25.15 13.55
C GLN A 27 26.03 25.37 12.02
N ARG A 28 27.02 24.92 11.26
CA ARG A 28 26.95 25.07 9.80
C ARG A 28 25.82 24.25 9.21
N SER A 29 25.68 23.02 9.69
CA SER A 29 24.64 22.10 9.23
C SER A 29 23.27 22.64 9.56
N LEU A 30 23.19 23.30 10.69
CA LEU A 30 21.96 23.90 11.17
C LEU A 30 21.51 25.01 10.22
N GLU A 31 22.46 25.57 9.48
CA GLU A 31 22.17 26.62 8.51
C GLU A 31 22.02 26.08 7.09
N HIS A 32 22.59 24.90 6.82
CA HIS A 32 22.53 24.31 5.49
C HIS A 32 21.44 23.28 5.28
N PHE A 33 20.99 22.66 6.38
CA PHE A 33 19.95 21.64 6.31
C PHE A 33 18.68 22.01 7.07
N ARG A 34 18.03 23.09 6.63
CA ARG A 34 16.81 23.58 7.26
C ARG A 34 15.62 22.94 6.55
N ILE A 35 15.50 21.63 6.66
CA ILE A 35 14.43 20.91 5.98
C ILE A 35 13.44 20.26 6.96
N SER A 36 12.20 20.70 6.86
CA SER A 36 11.11 20.19 7.68
C SER A 36 11.35 20.28 9.19
N THR A 37 10.67 19.43 9.95
CA THR A 37 10.76 19.47 11.40
C THR A 37 11.28 18.22 12.08
N GLU A 38 11.52 17.16 11.32
CA GLU A 38 11.99 15.91 11.91
C GLU A 38 13.46 15.95 12.30
N LYS A 39 13.74 15.63 13.56
CA LYS A 39 15.11 15.61 14.07
C LYS A 39 15.37 14.16 14.47
N MET A 40 16.58 13.85 14.88
CA MET A 40 16.91 12.51 15.31
C MET A 40 16.08 12.19 16.56
N PRO A 41 15.53 10.96 16.65
CA PRO A 41 14.73 10.64 17.85
C PRO A 41 15.63 10.28 19.04
N THR A 42 15.12 10.51 20.24
CA THR A 42 15.85 10.26 21.48
C THR A 42 16.57 8.90 21.53
N SER A 43 15.89 7.84 21.09
CA SER A 43 16.45 6.49 21.09
C SER A 43 17.73 6.38 20.27
N LEU A 44 17.80 7.15 19.18
CA LEU A 44 18.98 7.14 18.31
C LEU A 44 20.08 7.97 18.98
N ILE A 45 19.70 9.09 19.59
CA ILE A 45 20.66 9.92 20.30
C ILE A 45 21.32 9.09 21.40
N HIS A 46 20.52 8.34 22.14
CA HIS A 46 21.05 7.50 23.21
C HIS A 46 21.99 6.44 22.67
N ALA A 47 21.58 5.79 21.58
CA ALA A 47 22.39 4.75 20.94
C ALA A 47 23.72 5.33 20.48
N LEU A 48 23.70 6.54 19.96
CA LEU A 48 24.91 7.21 19.49
C LEU A 48 25.82 7.51 20.69
N ALA A 49 25.22 7.95 21.79
CA ALA A 49 25.96 8.23 23.02
C ALA A 49 26.59 6.95 23.55
N LEU A 50 25.82 5.86 23.54
CA LEU A 50 26.29 4.57 24.01
C LEU A 50 27.46 4.09 23.15
N THR A 51 27.38 4.36 21.86
CA THR A 51 28.44 3.96 20.94
C THR A 51 29.73 4.71 21.26
N LYS A 52 29.62 5.99 21.58
CA LYS A 52 30.79 6.81 21.92
C LYS A 52 31.37 6.37 23.28
N ARG A 53 30.48 6.01 24.20
CA ARG A 53 30.89 5.55 25.53
C ARG A 53 31.73 4.27 25.44
N ALA A 54 31.24 3.28 24.69
CA ALA A 54 31.94 2.02 24.52
C ALA A 54 33.27 2.26 23.78
N ALA A 55 33.27 3.14 22.80
CA ALA A 55 34.47 3.45 22.03
C ALA A 55 35.54 4.09 22.92
N ALA A 56 35.11 4.93 23.85
CA ALA A 56 36.01 5.59 24.79
C ALA A 56 36.67 4.56 25.71
N LYS A 57 35.86 3.62 26.21
CA LYS A 57 36.36 2.58 27.10
C LYS A 57 37.42 1.69 26.42
N VAL A 58 37.10 1.19 25.25
CA VAL A 58 38.02 0.32 24.53
C VAL A 58 39.29 1.08 24.17
N ASN A 59 39.15 2.31 23.69
CA ASN A 59 40.31 3.10 23.31
C ASN A 59 41.22 3.25 24.51
N GLU A 60 40.62 3.39 25.69
CA GLU A 60 41.39 3.51 26.92
C GLU A 60 42.11 2.19 27.18
N ASP A 61 41.40 1.08 27.03
CA ASP A 61 41.97 -0.26 27.25
C ASP A 61 43.14 -0.57 26.34
N LEU A 62 43.08 -0.11 25.10
CA LEU A 62 44.14 -0.35 24.14
C LEU A 62 45.26 0.69 24.26
N GLY A 63 45.10 1.61 25.21
CA GLY A 63 46.09 2.64 25.44
C GLY A 63 46.10 3.75 24.41
N LEU A 64 44.99 3.92 23.71
CA LEU A 64 44.88 4.95 22.69
C LEU A 64 44.36 6.26 23.27
N LEU A 65 43.77 6.20 24.46
CA LEU A 65 43.22 7.40 25.10
C LEU A 65 43.56 7.40 26.59
N SER A 66 43.92 8.57 27.10
CA SER A 66 44.27 8.72 28.50
C SER A 66 43.04 8.49 29.38
N GLU A 67 43.26 7.92 30.55
CA GLU A 67 42.18 7.63 31.49
C GLU A 67 41.38 8.87 31.82
N GLU A 68 42.07 9.99 31.99
CA GLU A 68 41.42 11.27 32.33
C GLU A 68 40.36 11.65 31.30
N LYS A 69 40.70 11.54 30.03
CA LYS A 69 39.77 11.89 28.95
C LYS A 69 38.71 10.81 28.73
N ALA A 70 39.14 9.55 28.72
CA ALA A 70 38.24 8.43 28.52
C ALA A 70 37.07 8.47 29.50
N SER A 71 37.38 8.62 30.78
CA SER A 71 36.35 8.66 31.81
C SER A 71 35.45 9.89 31.71
N ALA A 72 36.01 11.03 31.33
CA ALA A 72 35.24 12.26 31.21
C ALA A 72 34.21 12.16 30.08
N ILE A 73 34.63 11.56 28.96
CA ILE A 73 33.76 11.38 27.80
C ILE A 73 32.59 10.45 28.18
N ARG A 74 32.91 9.35 28.85
CA ARG A 74 31.90 8.39 29.28
C ARG A 74 30.90 9.05 30.24
N GLN A 75 31.39 9.98 31.04
CA GLN A 75 30.55 10.70 31.99
C GLN A 75 29.64 11.65 31.25
N ALA A 76 30.16 12.31 30.22
CA ALA A 76 29.35 13.24 29.42
C ALA A 76 28.29 12.41 28.70
N ALA A 77 28.67 11.20 28.29
CA ALA A 77 27.75 10.29 27.61
C ALA A 77 26.59 9.90 28.51
N ASP A 78 26.89 9.53 29.76
CA ASP A 78 25.87 9.14 30.72
C ASP A 78 24.90 10.28 30.99
N GLU A 79 25.37 11.51 30.87
CA GLU A 79 24.49 12.67 31.09
C GLU A 79 23.48 12.76 29.97
N VAL A 80 23.91 12.40 28.77
CA VAL A 80 23.03 12.41 27.60
C VAL A 80 21.98 11.33 27.82
N LEU A 81 22.41 10.16 28.28
CA LEU A 81 21.50 9.05 28.55
C LEU A 81 20.50 9.41 29.65
N ALA A 82 20.94 10.24 30.58
CA ALA A 82 20.11 10.68 31.69
C ALA A 82 19.09 11.74 31.28
N GLY A 83 19.14 12.15 30.02
CA GLY A 83 18.20 13.14 29.54
C GLY A 83 18.59 14.56 29.87
N GLN A 84 19.86 14.78 30.17
CA GLN A 84 20.32 16.12 30.53
C GLN A 84 20.64 17.03 29.35
N HIS A 85 20.84 16.45 28.17
CA HIS A 85 21.21 17.25 27.01
C HIS A 85 20.35 17.10 25.78
N ASP A 86 19.06 16.85 25.97
CA ASP A 86 18.15 16.69 24.84
C ASP A 86 18.17 17.84 23.85
N ASP A 87 18.16 19.06 24.38
CA ASP A 87 18.17 20.26 23.57
C ASP A 87 19.48 20.54 22.82
N GLU A 88 20.47 19.67 23.01
CA GLU A 88 21.76 19.85 22.37
C GLU A 88 21.92 19.23 20.99
N PHE A 89 20.86 18.59 20.48
CA PHE A 89 20.89 17.94 19.16
C PHE A 89 19.76 18.49 18.28
N PRO A 90 20.01 19.61 17.59
CA PRO A 90 19.02 20.26 16.72
C PRO A 90 19.02 19.86 15.25
N LEU A 91 19.92 18.97 14.85
CA LEU A 91 19.98 18.59 13.45
C LEU A 91 18.79 17.80 12.93
N ALA A 92 18.42 18.13 11.69
CA ALA A 92 17.32 17.51 10.97
C ALA A 92 17.73 16.14 10.47
N ILE A 93 16.75 15.27 10.27
CA ILE A 93 16.96 13.93 9.76
C ILE A 93 17.51 14.08 8.32
N TRP A 94 16.98 15.07 7.63
CA TRP A 94 17.32 15.35 6.23
C TRP A 94 18.66 16.08 6.09
N GLN A 95 19.72 15.35 6.37
CA GLN A 95 21.09 15.85 6.33
C GLN A 95 21.88 14.98 5.35
N THR A 96 23.19 14.88 5.56
CA THR A 96 24.03 14.05 4.71
C THR A 96 23.61 12.60 4.93
N GLY A 97 23.55 11.82 3.85
CA GLY A 97 23.13 10.44 3.89
C GLY A 97 23.85 9.45 4.79
N SER A 98 25.06 9.78 5.19
CA SER A 98 25.82 8.90 6.07
C SER A 98 25.57 9.21 7.54
N GLY A 99 24.93 10.34 7.82
CA GLY A 99 24.69 10.72 9.21
C GLY A 99 25.92 11.35 9.85
N THR A 100 26.83 11.84 9.01
CA THR A 100 28.08 12.49 9.45
C THR A 100 27.80 13.70 10.37
N GLN A 101 26.82 14.52 9.99
CA GLN A 101 26.44 15.68 10.77
C GLN A 101 26.10 15.26 12.20
N SER A 102 25.19 14.31 12.34
CA SER A 102 24.81 13.85 13.67
C SER A 102 25.96 13.23 14.44
N ASN A 103 26.92 12.63 13.74
CA ASN A 103 28.08 12.05 14.42
C ASN A 103 28.92 13.20 14.96
N MET A 104 29.08 14.25 14.17
CA MET A 104 29.85 15.42 14.59
C MET A 104 29.12 16.14 15.72
N ASN A 105 27.79 16.15 15.67
CA ASN A 105 26.98 16.80 16.69
C ASN A 105 27.30 16.16 18.05
N MET A 106 27.34 14.83 18.09
CA MET A 106 27.64 14.10 19.32
C MET A 106 29.10 14.29 19.75
N ASN A 107 30.02 14.34 18.79
CA ASN A 107 31.43 14.52 19.09
C ASN A 107 31.69 15.87 19.75
N GLU A 108 31.08 16.91 19.22
CA GLU A 108 31.22 18.27 19.72
C GLU A 108 30.58 18.47 21.08
N VAL A 109 29.37 17.95 21.24
CA VAL A 109 28.65 18.06 22.50
C VAL A 109 29.42 17.31 23.59
N LEU A 110 29.87 16.09 23.26
CA LEU A 110 30.62 15.28 24.20
C LEU A 110 32.00 15.86 24.52
N ALA A 111 32.68 16.43 23.53
CA ALA A 111 33.99 17.00 23.77
C ALA A 111 33.92 18.23 24.66
N ASN A 112 32.98 19.12 24.33
CA ASN A 112 32.77 20.36 25.07
C ASN A 112 32.41 20.09 26.53
N ARG A 113 31.46 19.19 26.75
CA ARG A 113 31.04 18.85 28.10
C ARG A 113 32.18 18.16 28.85
N ALA A 114 32.88 17.26 28.16
CA ALA A 114 33.99 16.53 28.76
C ALA A 114 35.09 17.49 29.19
N SER A 115 35.21 18.62 28.49
CA SER A 115 36.22 19.63 28.82
C SER A 115 35.83 20.27 30.15
N GLU A 116 34.59 20.72 30.25
CA GLU A 116 34.09 21.32 31.48
C GLU A 116 34.28 20.36 32.65
N LEU A 117 33.95 19.09 32.44
CA LEU A 117 34.09 18.05 33.46
C LEU A 117 35.54 17.91 33.92
N LEU A 118 36.49 18.35 33.10
CA LEU A 118 37.89 18.28 33.47
C LEU A 118 38.38 19.66 33.95
N GLY A 119 37.46 20.48 34.44
CA GLY A 119 37.84 21.80 34.93
C GLY A 119 38.10 22.78 33.80
N GLY A 120 37.80 22.37 32.58
CA GLY A 120 38.02 23.23 31.43
C GLY A 120 36.78 24.03 31.05
N VAL A 121 36.86 24.64 29.87
CA VAL A 121 35.76 25.46 29.36
C VAL A 121 35.26 24.87 28.04
N ARG A 122 34.05 25.26 27.64
CA ARG A 122 33.49 24.80 26.39
C ARG A 122 34.01 25.73 25.29
N GLY A 123 34.25 25.17 24.12
CA GLY A 123 34.70 25.97 23.00
C GLY A 123 36.14 25.76 22.55
N MET A 124 36.63 26.74 21.81
CA MET A 124 37.98 26.76 21.25
C MET A 124 39.15 26.43 22.16
N GLU A 125 39.00 26.68 23.46
CA GLU A 125 40.07 26.39 24.42
C GLU A 125 39.79 25.10 25.20
N ARG A 126 39.03 24.18 24.60
CA ARG A 126 38.69 22.92 25.26
C ARG A 126 39.83 21.95 25.38
N LYS A 127 39.77 21.14 26.44
CA LYS A 127 40.78 20.14 26.72
C LYS A 127 40.54 18.87 25.91
N VAL A 128 39.27 18.51 25.74
CA VAL A 128 38.91 17.32 24.96
C VAL A 128 38.50 17.78 23.57
N HIS A 129 39.07 17.13 22.56
CA HIS A 129 38.83 17.47 21.16
C HIS A 129 37.87 16.50 20.49
N PRO A 130 36.84 17.05 19.82
CA PRO A 130 35.82 16.25 19.13
C PRO A 130 36.34 15.19 18.17
N ASN A 131 37.18 15.60 17.21
CA ASN A 131 37.73 14.67 16.24
C ASN A 131 38.85 13.81 16.80
N ASP A 132 39.88 14.45 17.32
CA ASP A 132 41.03 13.75 17.86
C ASP A 132 40.75 12.83 19.04
N ASP A 133 39.80 13.18 19.90
CA ASP A 133 39.52 12.35 21.07
C ASP A 133 38.24 11.52 21.04
N VAL A 134 37.11 12.19 20.93
CA VAL A 134 35.81 11.53 20.94
C VAL A 134 35.59 10.61 19.73
N ASN A 135 36.11 11.02 18.58
CA ASN A 135 35.96 10.23 17.35
C ASN A 135 37.17 9.35 17.07
N LYS A 136 37.97 9.09 18.09
CA LYS A 136 39.17 8.28 17.94
C LYS A 136 38.88 6.83 17.56
N SER A 137 39.60 6.35 16.55
CA SER A 137 39.48 4.99 16.02
C SER A 137 38.13 4.76 15.34
N GLN A 138 37.42 5.84 15.00
CA GLN A 138 36.11 5.74 14.37
C GLN A 138 36.04 6.54 13.08
N SER A 139 34.87 6.45 12.44
CA SER A 139 34.57 7.17 11.21
C SER A 139 33.07 7.33 11.22
N SER A 140 32.58 8.38 10.60
CA SER A 140 31.14 8.60 10.53
C SER A 140 30.53 7.38 9.81
N ASN A 141 31.30 6.83 8.88
CA ASN A 141 30.88 5.69 8.08
C ASN A 141 30.50 4.43 8.84
N ASP A 142 31.28 4.08 9.85
CA ASP A 142 30.95 2.88 10.62
C ASP A 142 30.25 3.17 11.95
N VAL A 143 30.29 4.43 12.40
CA VAL A 143 29.65 4.78 13.67
C VAL A 143 28.13 4.91 13.54
N PHE A 144 27.65 5.61 12.51
CA PHE A 144 26.20 5.77 12.33
C PHE A 144 25.45 4.44 12.14
N PRO A 145 25.97 3.54 11.28
CA PRO A 145 25.28 2.26 11.09
C PRO A 145 25.22 1.50 12.41
N THR A 146 26.28 1.63 13.22
CA THR A 146 26.33 0.96 14.52
C THR A 146 25.26 1.50 15.44
N ALA A 147 25.12 2.82 15.46
CA ALA A 147 24.11 3.49 16.27
C ALA A 147 22.72 3.03 15.83
N MET A 148 22.54 2.87 14.53
CA MET A 148 21.26 2.43 13.98
C MET A 148 20.86 1.04 14.50
N HIS A 149 21.80 0.11 14.49
CA HIS A 149 21.53 -1.23 14.96
C HIS A 149 21.31 -1.30 16.46
N VAL A 150 22.07 -0.49 17.20
CA VAL A 150 21.92 -0.49 18.66
C VAL A 150 20.52 -0.01 19.00
N ALA A 151 20.12 1.11 18.40
CA ALA A 151 18.80 1.69 18.65
C ALA A 151 17.68 0.74 18.24
N ALA A 152 17.83 0.14 17.06
CA ALA A 152 16.84 -0.81 16.52
C ALA A 152 16.66 -2.08 17.37
N LEU A 153 17.77 -2.74 17.69
CA LEU A 153 17.69 -3.95 18.50
C LEU A 153 17.13 -3.67 19.89
N LEU A 154 17.57 -2.57 20.49
CA LEU A 154 17.07 -2.20 21.83
C LEU A 154 15.59 -1.83 21.80
N ALA A 155 15.14 -1.17 20.74
CA ALA A 155 13.74 -0.79 20.63
C ALA A 155 12.88 -2.04 20.47
N LEU A 156 13.38 -2.99 19.68
CA LEU A 156 12.65 -4.24 19.44
C LEU A 156 12.58 -5.09 20.70
N ARG A 157 13.71 -5.25 21.37
CA ARG A 157 13.77 -6.04 22.57
C ARG A 157 13.08 -5.43 23.77
N LYS A 158 13.34 -4.15 24.03
CA LYS A 158 12.76 -3.46 25.18
C LYS A 158 11.34 -2.95 25.05
N GLN A 159 10.96 -2.50 23.86
CA GLN A 159 9.61 -1.96 23.70
C GLN A 159 8.61 -2.83 22.98
N LEU A 160 8.91 -3.16 21.73
CA LEU A 160 8.02 -3.94 20.87
C LEU A 160 7.65 -5.34 21.40
N ILE A 161 8.64 -6.20 21.60
CA ILE A 161 8.37 -7.57 22.06
C ILE A 161 7.57 -7.70 23.36
N PRO A 162 7.89 -6.91 24.40
CA PRO A 162 7.14 -7.00 25.65
C PRO A 162 5.67 -6.61 25.46
N GLN A 163 5.43 -5.55 24.70
CA GLN A 163 4.06 -5.11 24.44
C GLN A 163 3.30 -6.18 23.64
N LEU A 164 4.00 -6.83 22.70
CA LEU A 164 3.40 -7.88 21.88
C LEU A 164 2.97 -9.06 22.75
N LYS A 165 3.82 -9.46 23.68
CA LYS A 165 3.51 -10.55 24.59
C LYS A 165 2.32 -10.21 25.46
N THR A 166 2.31 -9.02 26.05
CA THR A 166 1.23 -8.58 26.91
C THR A 166 -0.12 -8.63 26.22
N LEU A 167 -0.18 -8.09 25.00
CA LEU A 167 -1.44 -8.09 24.24
C LEU A 167 -1.90 -9.52 23.95
N THR A 168 -0.96 -10.40 23.64
CA THR A 168 -1.29 -11.78 23.33
C THR A 168 -1.88 -12.48 24.57
N GLN A 169 -1.27 -12.23 25.73
CA GLN A 169 -1.70 -12.81 26.98
C GLN A 169 -3.14 -12.39 27.28
N THR A 170 -3.47 -11.14 27.03
CA THR A 170 -4.80 -10.65 27.27
C THR A 170 -5.82 -11.33 26.36
N LEU A 171 -5.56 -11.31 25.06
CA LEU A 171 -6.45 -11.93 24.09
C LEU A 171 -6.58 -13.42 24.37
N ASN A 172 -5.50 -14.02 24.88
CA ASN A 172 -5.49 -15.43 25.20
C ASN A 172 -6.47 -15.74 26.32
N GLU A 173 -6.51 -14.85 27.32
CA GLU A 173 -7.42 -15.02 28.45
C GLU A 173 -8.86 -14.88 27.95
N LYS A 174 -9.08 -13.92 27.06
CA LYS A 174 -10.40 -13.67 26.49
C LYS A 174 -10.91 -14.89 25.71
N SER A 175 -10.02 -15.48 24.93
CA SER A 175 -10.31 -16.67 24.13
C SER A 175 -10.90 -17.74 25.05
N ARG A 176 -10.17 -18.01 26.12
CA ARG A 176 -10.52 -18.98 27.15
C ARG A 176 -11.83 -18.62 27.86
N ALA A 177 -12.00 -17.35 28.17
CA ALA A 177 -13.19 -16.87 28.85
C ALA A 177 -14.45 -17.03 28.00
N PHE A 178 -14.32 -16.89 26.68
CA PHE A 178 -15.46 -17.01 25.79
C PHE A 178 -15.51 -18.32 25.01
N ALA A 179 -14.77 -19.31 25.48
CA ALA A 179 -14.69 -20.63 24.83
C ALA A 179 -16.01 -21.35 24.54
N ASP A 180 -17.08 -21.01 25.25
CA ASP A 180 -18.37 -21.67 25.07
C ASP A 180 -19.45 -20.85 24.37
N ILE A 181 -19.16 -19.61 24.01
CA ILE A 181 -20.16 -18.77 23.35
C ILE A 181 -20.19 -19.00 21.85
N VAL A 182 -21.21 -19.73 21.38
CA VAL A 182 -21.39 -20.04 19.97
C VAL A 182 -21.98 -18.85 19.22
N LYS A 183 -21.36 -18.55 18.07
CA LYS A 183 -21.81 -17.44 17.23
C LYS A 183 -21.79 -17.85 15.76
N ILE A 184 -22.41 -17.03 14.92
CA ILE A 184 -22.49 -17.25 13.50
C ILE A 184 -21.18 -16.86 12.82
N GLY A 185 -20.64 -17.76 12.01
CA GLY A 185 -19.42 -17.46 11.29
C GLY A 185 -19.75 -16.63 10.07
N ARG A 186 -18.77 -15.92 9.53
CA ARG A 186 -19.00 -15.10 8.35
C ARG A 186 -17.83 -15.22 7.38
N THR A 187 -18.15 -15.49 6.12
CA THR A 187 -17.16 -15.60 5.04
C THR A 187 -17.74 -14.75 3.91
N HIS A 188 -16.89 -13.96 3.26
CA HIS A 188 -17.35 -13.07 2.18
C HIS A 188 -18.35 -12.06 2.77
N LEU A 189 -18.35 -11.91 4.11
CA LEU A 189 -19.25 -11.00 4.83
C LEU A 189 -20.66 -11.61 4.94
N GLN A 190 -20.81 -12.83 4.47
CA GLN A 190 -22.08 -13.54 4.49
C GLN A 190 -22.16 -14.56 5.62
N ASP A 191 -23.38 -14.85 6.05
CA ASP A 191 -23.62 -15.81 7.12
C ASP A 191 -23.11 -17.19 6.67
N ALA A 192 -22.31 -17.83 7.51
CA ALA A 192 -21.76 -19.15 7.23
C ALA A 192 -22.01 -20.05 8.45
N THR A 193 -21.32 -21.18 8.54
CA THR A 193 -21.50 -22.07 9.67
C THR A 193 -20.94 -21.48 10.97
N PRO A 194 -21.45 -21.93 12.12
CA PRO A 194 -21.00 -21.45 13.43
C PRO A 194 -19.63 -21.88 13.96
N LEU A 195 -19.11 -21.05 14.87
CA LEU A 195 -17.84 -21.26 15.56
C LEU A 195 -18.02 -20.50 16.87
N THR A 196 -17.20 -20.77 17.86
CA THR A 196 -17.34 -20.06 19.13
C THR A 196 -16.53 -18.76 19.10
N LEU A 197 -16.98 -17.77 19.87
CA LEU A 197 -16.26 -16.50 19.94
C LEU A 197 -14.84 -16.78 20.43
N GLY A 198 -14.71 -17.78 21.30
CA GLY A 198 -13.40 -18.15 21.80
C GLY A 198 -12.49 -18.59 20.67
N GLN A 199 -13.05 -19.35 19.72
CA GLN A 199 -12.28 -19.84 18.58
C GLN A 199 -11.86 -18.67 17.69
N GLU A 200 -12.78 -17.76 17.45
CA GLU A 200 -12.50 -16.60 16.63
C GLU A 200 -11.34 -15.80 17.25
N ILE A 201 -11.41 -15.59 18.56
CA ILE A 201 -10.36 -14.85 19.25
C ILE A 201 -9.04 -15.62 19.27
N SER A 202 -9.10 -16.94 19.34
CA SER A 202 -7.88 -17.74 19.35
C SER A 202 -7.13 -17.56 18.03
N GLY A 203 -7.86 -17.17 16.98
CA GLY A 203 -7.26 -16.93 15.68
C GLY A 203 -6.36 -15.72 15.76
N TRP A 204 -6.81 -14.69 16.49
CA TRP A 204 -6.06 -13.46 16.68
C TRP A 204 -4.79 -13.78 17.47
N VAL A 205 -4.94 -14.64 18.48
CA VAL A 205 -3.83 -15.06 19.33
C VAL A 205 -2.73 -15.74 18.54
N ALA A 206 -3.11 -16.71 17.71
CA ALA A 206 -2.15 -17.45 16.90
C ALA A 206 -1.42 -16.53 15.93
N MET A 207 -2.13 -15.52 15.43
CA MET A 207 -1.55 -14.52 14.52
C MET A 207 -0.42 -13.79 15.22
N LEU A 208 -0.68 -13.35 16.45
CA LEU A 208 0.32 -12.64 17.25
C LEU A 208 1.49 -13.55 17.63
N GLU A 209 1.18 -14.79 17.98
CA GLU A 209 2.23 -15.73 18.33
C GLU A 209 3.16 -15.96 17.14
N HIS A 210 2.60 -16.11 15.95
CA HIS A 210 3.40 -16.31 14.75
C HIS A 210 4.28 -15.09 14.47
N ASN A 211 3.70 -13.91 14.61
CA ASN A 211 4.45 -12.67 14.39
C ASN A 211 5.64 -12.56 15.31
N LEU A 212 5.48 -12.98 16.55
CA LEU A 212 6.57 -12.92 17.51
C LEU A 212 7.79 -13.69 17.02
N LYS A 213 7.59 -14.95 16.63
CA LYS A 213 8.71 -15.76 16.14
C LYS A 213 9.34 -15.13 14.89
N HIS A 214 8.53 -14.54 14.01
CA HIS A 214 9.04 -13.87 12.81
C HIS A 214 9.94 -12.69 13.17
N ILE A 215 9.51 -11.90 14.15
CA ILE A 215 10.30 -10.76 14.60
C ILE A 215 11.59 -11.24 15.25
N GLU A 216 11.52 -12.34 16.00
CA GLU A 216 12.71 -12.89 16.64
C GLU A 216 13.73 -13.40 15.64
N TYR A 217 13.26 -13.90 14.49
CA TYR A 217 14.15 -14.39 13.45
C TYR A 217 14.99 -13.28 12.83
N SER A 218 14.52 -12.04 12.92
CA SER A 218 15.22 -10.91 12.36
C SER A 218 16.30 -10.30 13.25
N LEU A 219 16.24 -10.59 14.54
CA LEU A 219 17.19 -10.03 15.51
C LEU A 219 18.68 -10.30 15.29
N PRO A 220 19.07 -11.55 15.02
CA PRO A 220 20.48 -11.86 14.80
C PRO A 220 21.22 -10.98 13.79
N HIS A 221 20.59 -10.71 12.64
CA HIS A 221 21.21 -9.87 11.62
C HIS A 221 21.33 -8.42 12.14
N VAL A 222 20.33 -7.95 12.86
CA VAL A 222 20.35 -6.58 13.40
C VAL A 222 21.43 -6.45 14.50
N ALA A 223 21.75 -7.56 15.16
CA ALA A 223 22.75 -7.57 16.23
C ALA A 223 24.18 -7.42 15.73
N GLU A 224 24.37 -7.47 14.42
CA GLU A 224 25.71 -7.35 13.84
C GLU A 224 26.08 -5.87 13.73
N LEU A 225 27.25 -5.51 14.27
CA LEU A 225 27.71 -4.12 14.26
C LEU A 225 28.82 -3.80 13.25
N ALA A 226 28.74 -2.62 12.64
CA ALA A 226 29.72 -2.18 11.67
C ALA A 226 31.03 -1.65 12.29
N LEU A 227 30.96 -1.15 13.52
CA LEU A 227 32.14 -0.58 14.20
C LEU A 227 33.41 -1.39 14.03
N GLY A 228 34.40 -0.76 13.43
CA GLY A 228 35.65 -1.44 13.17
C GLY A 228 35.90 -1.46 11.67
N GLY A 229 34.83 -1.34 10.90
CA GLY A 229 34.95 -1.34 9.44
C GLY A 229 35.66 -0.08 8.99
N THR A 230 35.50 0.98 9.77
CA THR A 230 36.15 2.25 9.48
C THR A 230 35.56 2.85 8.17
N ALA A 231 36.33 3.64 7.42
CA ALA A 231 35.83 4.29 6.20
C ALA A 231 35.19 3.45 5.08
N VAL A 232 35.83 2.37 4.66
CA VAL A 232 35.29 1.55 3.58
C VAL A 232 35.07 0.08 3.95
N GLY A 233 35.34 -0.27 5.20
CA GLY A 233 35.15 -1.64 5.63
C GLY A 233 36.42 -2.43 5.86
N THR A 234 37.55 -1.91 5.38
CA THR A 234 38.84 -2.59 5.54
C THR A 234 39.37 -2.54 6.98
N GLY A 235 38.94 -1.51 7.72
CA GLY A 235 39.42 -1.36 9.08
C GLY A 235 40.76 -0.65 9.18
N LEU A 236 41.14 0.04 8.11
CA LEU A 236 42.40 0.78 8.10
C LEU A 236 42.38 1.82 9.21
N ASN A 237 43.52 1.98 9.89
CA ASN A 237 43.66 2.94 10.98
C ASN A 237 42.92 2.52 12.25
N THR A 238 42.95 1.22 12.55
CA THR A 238 42.31 0.69 13.76
C THR A 238 43.13 -0.49 14.29
N HIS A 239 43.05 -0.71 15.59
CA HIS A 239 43.76 -1.81 16.24
C HIS A 239 42.96 -3.07 15.89
N PRO A 240 43.64 -4.17 15.51
CA PRO A 240 42.97 -5.42 15.15
C PRO A 240 41.90 -5.95 16.12
N GLU A 241 42.07 -5.69 17.41
CA GLU A 241 41.11 -6.16 18.42
C GLU A 241 39.98 -5.16 18.69
N TYR A 242 40.09 -3.97 18.12
CA TYR A 242 39.10 -2.92 18.32
C TYR A 242 37.65 -3.34 18.08
N ALA A 243 37.36 -3.82 16.86
CA ALA A 243 36.01 -4.22 16.47
C ALA A 243 35.33 -5.21 17.41
N ARG A 244 36.03 -6.29 17.75
CA ARG A 244 35.49 -7.32 18.62
C ARG A 244 35.28 -6.77 20.05
N ARG A 245 36.28 -6.07 20.55
CA ARG A 245 36.23 -5.49 21.88
C ARG A 245 35.06 -4.52 22.05
N VAL A 246 34.93 -3.58 21.11
CA VAL A 246 33.86 -2.61 21.21
C VAL A 246 32.48 -3.28 21.17
N ALA A 247 32.37 -4.38 20.40
CA ALA A 247 31.12 -5.12 20.30
C ALA A 247 30.81 -5.72 21.67
N ASP A 248 31.85 -6.23 22.31
CA ASP A 248 31.72 -6.83 23.66
C ASP A 248 31.26 -5.78 24.66
N GLU A 249 31.95 -4.64 24.68
CA GLU A 249 31.64 -3.55 25.58
C GLU A 249 30.19 -3.17 25.46
N LEU A 250 29.74 -2.98 24.23
CA LEU A 250 28.36 -2.61 23.93
C LEU A 250 27.38 -3.69 24.41
N ALA A 251 27.76 -4.95 24.25
CA ALA A 251 26.91 -6.05 24.69
C ALA A 251 26.76 -5.99 26.20
N VAL A 252 27.89 -5.77 26.87
CA VAL A 252 27.94 -5.69 28.33
C VAL A 252 27.07 -4.57 28.92
N ILE A 253 27.24 -3.35 28.44
CA ILE A 253 26.48 -2.23 28.98
C ILE A 253 25.01 -2.12 28.55
N THR A 254 24.59 -2.91 27.56
CA THR A 254 23.20 -2.84 27.13
C THR A 254 22.47 -4.13 27.42
N CYS A 255 23.23 -5.18 27.72
CA CYS A 255 22.66 -6.50 28.01
C CYS A 255 21.95 -7.11 26.79
N ALA A 256 22.44 -6.77 25.61
CA ALA A 256 21.87 -7.28 24.36
C ALA A 256 23.03 -8.02 23.68
N PRO A 257 22.74 -9.11 22.98
CA PRO A 257 23.77 -9.89 22.30
C PRO A 257 24.38 -9.31 21.03
N PHE A 258 24.98 -8.13 21.13
CA PHE A 258 25.61 -7.51 19.96
C PHE A 258 26.89 -8.25 19.59
N VAL A 259 27.15 -8.34 18.29
CA VAL A 259 28.35 -9.01 17.79
C VAL A 259 28.91 -8.15 16.67
N THR A 260 30.19 -8.32 16.36
CA THR A 260 30.80 -7.55 15.28
C THR A 260 30.40 -8.22 13.97
N ALA A 261 29.99 -7.40 12.99
CA ALA A 261 29.57 -7.92 11.69
C ALA A 261 30.67 -8.75 11.02
N PRO A 262 30.33 -9.97 10.59
CA PRO A 262 31.29 -10.86 9.92
C PRO A 262 31.85 -10.21 8.66
N ASN A 263 31.00 -9.48 7.94
CA ASN A 263 31.45 -8.79 6.73
C ASN A 263 31.12 -7.33 6.85
N LYS A 264 32.16 -6.51 6.99
CA LYS A 264 32.00 -5.08 7.14
C LYS A 264 31.59 -4.36 5.86
N PHE A 265 31.87 -4.99 4.73
CA PHE A 265 31.52 -4.40 3.44
C PHE A 265 30.02 -4.42 3.31
N GLU A 266 29.41 -5.54 3.70
CA GLU A 266 27.97 -5.70 3.66
C GLU A 266 27.34 -4.76 4.70
N ALA A 267 28.01 -4.62 5.84
CA ALA A 267 27.52 -3.76 6.93
C ALA A 267 27.53 -2.28 6.53
N LEU A 268 28.53 -1.85 5.77
CA LEU A 268 28.65 -0.47 5.34
C LEU A 268 27.88 -0.12 4.08
N ALA A 269 27.92 -1.01 3.10
CA ALA A 269 27.26 -0.78 1.82
C ALA A 269 25.76 -1.00 1.80
N THR A 270 25.18 -1.56 2.86
CA THR A 270 23.75 -1.81 2.86
C THR A 270 23.05 -1.53 4.18
N CYS A 271 21.71 -1.57 4.13
CA CYS A 271 20.83 -1.41 5.27
C CYS A 271 19.97 -2.68 5.29
N ASP A 272 20.51 -3.77 4.72
CA ASP A 272 19.80 -5.06 4.60
C ASP A 272 19.15 -5.63 5.86
N ALA A 273 19.83 -5.54 6.99
CA ALA A 273 19.29 -6.07 8.24
C ALA A 273 17.99 -5.37 8.60
N LEU A 274 17.94 -4.07 8.35
CA LEU A 274 16.76 -3.26 8.66
C LEU A 274 15.65 -3.46 7.64
N VAL A 275 16.03 -3.63 6.38
CA VAL A 275 15.05 -3.86 5.32
C VAL A 275 14.31 -5.16 5.64
N GLN A 276 15.08 -6.15 6.08
CA GLN A 276 14.53 -7.46 6.45
C GLN A 276 13.71 -7.38 7.75
N ALA A 277 14.28 -6.77 8.78
CA ALA A 277 13.61 -6.67 10.07
C ALA A 277 12.31 -5.92 9.90
N HIS A 278 12.31 -4.91 9.04
CA HIS A 278 11.08 -4.15 8.86
C HIS A 278 10.02 -4.96 8.14
N GLY A 279 10.44 -5.96 7.38
CA GLY A 279 9.50 -6.80 6.65
C GLY A 279 8.63 -7.54 7.64
N ALA A 280 9.22 -7.93 8.77
CA ALA A 280 8.47 -8.63 9.82
C ALA A 280 7.48 -7.65 10.47
N LEU A 281 7.89 -6.38 10.55
CA LEU A 281 7.03 -5.36 11.14
C LEU A 281 5.81 -5.06 10.30
N LYS A 282 5.97 -4.95 8.98
CA LYS A 282 4.80 -4.69 8.14
C LYS A 282 3.89 -5.93 8.18
N GLY A 283 4.51 -7.08 8.46
CA GLY A 283 3.76 -8.31 8.58
C GLY A 283 2.89 -8.14 9.82
N LEU A 284 3.48 -7.65 10.91
CA LEU A 284 2.74 -7.42 12.15
C LEU A 284 1.63 -6.38 11.95
N ALA A 285 1.91 -5.35 11.14
CA ALA A 285 0.93 -4.32 10.85
C ALA A 285 -0.31 -4.88 10.16
N ALA A 286 -0.12 -5.80 9.23
CA ALA A 286 -1.25 -6.41 8.50
C ALA A 286 -2.10 -7.26 9.44
N SER A 287 -1.45 -7.95 10.37
CA SER A 287 -2.17 -8.76 11.34
C SER A 287 -3.00 -7.89 12.29
N LEU A 288 -2.38 -6.84 12.83
CA LEU A 288 -3.06 -5.93 13.74
C LEU A 288 -4.23 -5.22 13.07
N MET A 289 -4.04 -4.87 11.81
CA MET A 289 -5.09 -4.21 11.02
C MET A 289 -6.35 -5.09 10.95
N LYS A 290 -6.14 -6.38 10.74
CA LYS A 290 -7.23 -7.35 10.65
C LYS A 290 -7.94 -7.51 12.02
N ILE A 291 -7.15 -7.68 13.08
CA ILE A 291 -7.67 -7.82 14.44
C ILE A 291 -8.49 -6.59 14.84
N ALA A 292 -7.95 -5.40 14.56
CA ALA A 292 -8.63 -4.15 14.86
C ALA A 292 -9.93 -4.03 14.09
N ASN A 293 -9.92 -4.43 12.82
CA ASN A 293 -11.13 -4.35 12.02
C ASN A 293 -12.22 -5.29 12.55
N ASP A 294 -11.84 -6.52 12.92
CA ASP A 294 -12.81 -7.48 13.46
C ASP A 294 -13.47 -6.91 14.70
N VAL A 295 -12.67 -6.35 15.60
CA VAL A 295 -13.19 -5.77 16.84
C VAL A 295 -14.19 -4.64 16.58
N ARG A 296 -13.82 -3.67 15.74
CA ARG A 296 -14.74 -2.58 15.49
C ARG A 296 -16.00 -2.97 14.72
N TRP A 297 -15.92 -3.97 13.85
CA TRP A 297 -17.10 -4.40 13.12
C TRP A 297 -18.02 -5.20 14.06
N LEU A 298 -17.43 -6.03 14.91
CA LEU A 298 -18.20 -6.83 15.86
C LEU A 298 -18.88 -5.94 16.90
N ALA A 299 -18.29 -4.78 17.18
CA ALA A 299 -18.86 -3.86 18.16
C ALA A 299 -19.73 -2.79 17.51
N SER A 300 -19.85 -2.81 16.19
CA SER A 300 -20.64 -1.83 15.46
C SER A 300 -22.10 -1.84 15.88
N GLY A 301 -22.70 -0.66 15.92
CA GLY A 301 -24.08 -0.56 16.31
C GLY A 301 -24.42 0.81 16.85
N PRO A 302 -25.09 0.90 18.00
CA PRO A 302 -25.55 -0.24 18.80
C PRO A 302 -26.74 -1.03 18.25
N ARG A 303 -27.53 -0.42 17.39
CA ARG A 303 -28.74 -1.07 16.87
C ARG A 303 -28.74 -1.49 15.39
N CYS A 304 -27.91 -0.86 14.56
CA CYS A 304 -27.92 -1.17 13.13
C CYS A 304 -26.64 -1.76 12.52
N GLY A 305 -25.83 -2.41 13.36
CA GLY A 305 -24.60 -3.03 12.88
C GLY A 305 -24.64 -4.50 13.25
N ILE A 306 -23.51 -5.02 13.72
CA ILE A 306 -23.44 -6.42 14.13
C ILE A 306 -23.70 -6.49 15.63
N GLY A 307 -22.99 -5.65 16.39
CA GLY A 307 -23.16 -5.58 17.84
C GLY A 307 -23.06 -6.85 18.67
N GLU A 308 -22.17 -7.76 18.27
CA GLU A 308 -21.99 -9.01 19.00
C GLU A 308 -21.14 -8.82 20.26
N ILE A 309 -20.30 -7.79 20.25
CA ILE A 309 -19.46 -7.49 21.40
C ILE A 309 -19.60 -6.01 21.80
N SER A 310 -19.08 -5.70 22.97
CA SER A 310 -19.11 -4.34 23.50
C SER A 310 -17.69 -4.03 23.97
N ILE A 311 -17.27 -2.80 23.74
CA ILE A 311 -15.93 -2.36 24.14
C ILE A 311 -16.12 -1.13 25.05
N PRO A 312 -15.11 -0.80 25.85
CA PRO A 312 -15.22 0.36 26.74
C PRO A 312 -15.32 1.74 26.06
N GLU A 313 -16.22 2.56 26.58
CA GLU A 313 -16.41 3.93 26.10
C GLU A 313 -15.39 4.79 26.85
N ASN A 314 -14.37 5.25 26.14
CA ASN A 314 -13.32 6.04 26.76
C ASN A 314 -13.55 7.56 26.66
N GLU A 315 -14.23 8.00 25.60
CA GLU A 315 -14.47 9.43 25.43
C GLU A 315 -15.90 9.78 25.83
N PRO A 316 -16.09 11.00 26.35
CA PRO A 316 -17.41 11.47 26.76
C PRO A 316 -18.37 11.55 25.57
N GLY A 317 -19.63 11.19 25.78
CA GLY A 317 -20.61 11.21 24.70
C GLY A 317 -21.80 12.10 24.95
N SER A 318 -22.61 12.27 23.90
CA SER A 318 -23.82 13.11 23.96
C SER A 318 -24.89 12.46 24.84
N SER A 319 -25.56 13.28 25.64
CA SER A 319 -26.62 12.82 26.53
C SER A 319 -27.79 12.29 25.71
N ILE A 320 -28.10 12.98 24.61
CA ILE A 320 -29.20 12.60 23.73
C ILE A 320 -28.80 11.52 22.70
N MET A 321 -27.60 10.97 22.85
CA MET A 321 -27.13 9.92 21.94
C MET A 321 -26.41 8.80 22.69
N PRO A 322 -27.09 8.19 23.67
CA PRO A 322 -26.43 7.10 24.39
C PRO A 322 -26.30 5.86 23.51
N GLY A 323 -25.16 5.18 23.59
CA GLY A 323 -24.95 3.99 22.80
C GLY A 323 -23.91 4.15 21.71
N LYS A 324 -23.77 5.36 21.18
CA LYS A 324 -22.78 5.61 20.13
C LYS A 324 -21.37 5.61 20.71
N VAL A 325 -20.74 4.44 20.72
CA VAL A 325 -19.38 4.32 21.22
C VAL A 325 -18.48 4.09 20.02
N ASN A 326 -17.82 5.15 19.57
CA ASN A 326 -16.90 5.04 18.44
C ASN A 326 -15.68 4.25 18.87
N PRO A 327 -15.24 3.26 18.07
CA PRO A 327 -14.06 2.42 18.36
C PRO A 327 -12.75 3.18 18.09
N THR A 328 -12.56 4.28 18.79
CA THR A 328 -11.39 5.14 18.65
C THR A 328 -10.04 4.45 18.73
N GLN A 329 -9.87 3.54 19.68
CA GLN A 329 -8.60 2.83 19.80
C GLN A 329 -8.35 2.00 18.53
N CYS A 330 -9.42 1.53 17.90
CA CYS A 330 -9.31 0.73 16.69
C CYS A 330 -8.93 1.64 15.54
N GLU A 331 -9.50 2.84 15.54
CA GLU A 331 -9.20 3.81 14.50
C GLU A 331 -7.76 4.29 14.59
N ALA A 332 -7.25 4.40 15.80
CA ALA A 332 -5.87 4.83 16.00
C ALA A 332 -4.91 3.74 15.56
N LEU A 333 -5.28 2.49 15.84
CA LEU A 333 -4.44 1.35 15.47
C LEU A 333 -4.39 1.11 13.96
N THR A 334 -5.54 1.16 13.29
CA THR A 334 -5.58 0.95 11.86
C THR A 334 -4.79 2.04 11.14
N MET A 335 -4.91 3.28 11.62
CA MET A 335 -4.17 4.40 11.03
C MET A 335 -2.67 4.22 11.09
N LEU A 336 -2.16 3.78 12.23
CA LEU A 336 -0.72 3.57 12.38
C LEU A 336 -0.23 2.36 11.59
N CYS A 337 -1.14 1.42 11.31
CA CYS A 337 -0.79 0.23 10.53
C CYS A 337 -0.54 0.64 9.09
N CYS A 338 -1.38 1.52 8.57
CA CYS A 338 -1.22 2.05 7.22
C CYS A 338 0.13 2.75 7.13
N GLN A 339 0.50 3.43 8.22
CA GLN A 339 1.77 4.17 8.31
C GLN A 339 2.96 3.23 8.18
N VAL A 340 2.92 2.11 8.89
CA VAL A 340 4.02 1.16 8.81
C VAL A 340 4.17 0.65 7.36
N MET A 341 3.04 0.42 6.70
CA MET A 341 3.06 -0.06 5.32
C MET A 341 3.81 0.94 4.44
N GLY A 342 3.52 2.21 4.66
CA GLY A 342 4.16 3.26 3.90
C GLY A 342 5.62 3.41 4.25
N ASN A 343 5.94 3.25 5.52
CA ASN A 343 7.33 3.37 5.99
C ASN A 343 8.19 2.32 5.35
N ASP A 344 7.59 1.16 5.09
CA ASP A 344 8.30 0.04 4.49
C ASP A 344 8.79 0.38 3.08
N VAL A 345 7.92 1.03 2.29
CA VAL A 345 8.27 1.43 0.93
C VAL A 345 9.44 2.39 0.92
N ALA A 346 9.42 3.37 1.83
CA ALA A 346 10.50 4.35 1.95
C ALA A 346 11.81 3.66 2.30
N ILE A 347 11.74 2.74 3.24
CA ILE A 347 12.91 1.99 3.66
C ILE A 347 13.45 1.11 2.52
N ASN A 348 12.55 0.50 1.75
CA ASN A 348 12.93 -0.37 0.65
C ASN A 348 13.70 0.39 -0.43
N MET A 349 13.18 1.54 -0.83
CA MET A 349 13.84 2.35 -1.84
C MET A 349 15.22 2.79 -1.35
N GLY A 350 15.30 3.16 -0.07
CA GLY A 350 16.56 3.59 0.50
C GLY A 350 17.53 2.44 0.60
N GLY A 351 17.04 1.29 1.05
CA GLY A 351 17.89 0.12 1.19
C GLY A 351 18.39 -0.43 -0.13
N ALA A 352 17.65 -0.19 -1.19
CA ALA A 352 18.03 -0.66 -2.52
C ALA A 352 18.95 0.32 -3.24
N SER A 353 19.01 1.55 -2.74
CA SER A 353 19.80 2.60 -3.38
C SER A 353 21.26 2.80 -2.95
N GLY A 354 21.86 1.82 -2.31
CA GLY A 354 23.25 1.97 -1.94
C GLY A 354 24.16 1.94 -3.17
N ASN A 355 25.33 2.56 -3.06
CA ASN A 355 26.30 2.61 -4.15
C ASN A 355 27.69 2.29 -3.63
N PHE A 356 28.35 1.33 -4.28
CA PHE A 356 29.71 0.93 -3.91
C PHE A 356 29.93 0.63 -2.42
N GLU A 357 30.88 1.32 -1.81
CA GLU A 357 31.24 1.12 -0.41
C GLU A 357 30.32 1.64 0.67
N LEU A 358 29.38 2.52 0.33
CA LEU A 358 28.52 3.07 1.36
C LEU A 358 27.08 3.38 0.95
N ASN A 359 26.13 2.98 1.78
CA ASN A 359 24.73 3.28 1.53
C ASN A 359 24.54 4.63 2.21
N VAL A 360 24.08 5.64 1.47
CA VAL A 360 23.86 6.97 2.03
C VAL A 360 22.41 7.43 2.07
N PHE A 361 21.54 6.56 2.57
CA PHE A 361 20.12 6.86 2.72
C PHE A 361 19.77 6.52 4.18
N ARG A 362 20.81 6.42 5.00
CA ARG A 362 20.68 6.02 6.40
C ARG A 362 19.78 6.79 7.36
N PRO A 363 19.93 8.12 7.47
CA PRO A 363 19.06 8.87 8.40
C PRO A 363 17.56 8.62 8.14
N MET A 364 17.18 8.58 6.87
CA MET A 364 15.79 8.36 6.47
C MET A 364 15.33 6.94 6.84
N VAL A 365 16.22 5.97 6.65
CA VAL A 365 15.90 4.57 6.96
C VAL A 365 15.66 4.37 8.45
N ILE A 366 16.58 4.87 9.27
CA ILE A 366 16.43 4.75 10.72
C ILE A 366 15.24 5.56 11.24
N HIS A 367 14.97 6.70 10.61
CA HIS A 367 13.85 7.54 11.01
C HIS A 367 12.55 6.75 10.86
N ASN A 368 12.38 6.10 9.72
CA ASN A 368 11.19 5.31 9.45
C ASN A 368 11.09 4.06 10.30
N PHE A 369 12.23 3.40 10.49
CA PHE A 369 12.27 2.18 11.26
C PHE A 369 11.88 2.39 12.71
N LEU A 370 12.52 3.34 13.37
CA LEU A 370 12.23 3.65 14.77
C LEU A 370 10.80 4.12 14.94
N GLN A 371 10.29 4.87 13.97
CA GLN A 371 8.91 5.32 14.07
C GLN A 371 7.95 4.13 14.04
N SER A 372 8.24 3.15 13.18
CA SER A 372 7.37 1.98 13.10
C SER A 372 7.35 1.21 14.41
N VAL A 373 8.50 1.06 15.02
CA VAL A 373 8.61 0.37 16.29
C VAL A 373 7.79 1.11 17.37
N ARG A 374 7.96 2.42 17.42
CA ARG A 374 7.26 3.29 18.36
C ARG A 374 5.76 3.14 18.14
N LEU A 375 5.33 3.27 16.89
CA LEU A 375 3.91 3.16 16.55
C LEU A 375 3.32 1.81 16.95
N LEU A 376 4.01 0.74 16.62
CA LEU A 376 3.51 -0.59 16.92
C LEU A 376 3.49 -0.90 18.42
N ALA A 377 4.56 -0.54 19.12
CA ALA A 377 4.67 -0.78 20.56
C ALA A 377 3.62 -0.01 21.34
N ASP A 378 3.58 1.32 21.16
CA ASP A 378 2.62 2.16 21.88
C ASP A 378 1.21 1.85 21.43
N GLY A 379 1.08 1.48 20.17
CA GLY A 379 -0.22 1.13 19.60
C GLY A 379 -0.79 -0.11 20.25
N MET A 380 0.03 -1.13 20.45
CA MET A 380 -0.46 -2.35 21.09
C MET A 380 -0.80 -2.10 22.57
N GLU A 381 0.05 -1.34 23.26
CA GLU A 381 -0.15 -1.00 24.67
C GLU A 381 -1.50 -0.28 24.84
N SER A 382 -1.73 0.75 24.04
CA SER A 382 -2.96 1.52 24.11
C SER A 382 -4.18 0.67 23.77
N PHE A 383 -4.07 -0.15 22.74
CA PHE A 383 -5.15 -1.04 22.30
C PHE A 383 -5.47 -2.05 23.41
N ASN A 384 -4.42 -2.55 24.02
CA ASN A 384 -4.56 -3.50 25.09
C ASN A 384 -5.31 -2.91 26.29
N LYS A 385 -4.73 -1.87 26.87
CA LYS A 385 -5.30 -1.21 28.05
C LYS A 385 -6.66 -0.55 27.85
N HIS A 386 -6.82 0.19 26.77
CA HIS A 386 -8.06 0.90 26.54
C HIS A 386 -9.12 0.18 25.71
N CYS A 387 -8.89 -1.08 25.37
CA CYS A 387 -9.87 -1.80 24.57
C CYS A 387 -9.90 -3.30 24.78
N ALA A 388 -8.83 -3.98 24.39
CA ALA A 388 -8.76 -5.44 24.51
C ALA A 388 -9.16 -6.03 25.86
N VAL A 389 -8.62 -5.48 26.95
CA VAL A 389 -8.94 -6.00 28.29
C VAL A 389 -10.43 -5.85 28.59
N GLY A 390 -11.10 -4.95 27.87
CA GLY A 390 -12.51 -4.73 28.11
C GLY A 390 -13.51 -5.32 27.14
N ILE A 391 -13.06 -6.22 26.27
CA ILE A 391 -13.97 -6.84 25.30
C ILE A 391 -14.95 -7.77 26.00
N GLU A 392 -16.24 -7.49 25.85
CA GLU A 392 -17.27 -8.32 26.47
C GLU A 392 -18.31 -8.68 25.43
N PRO A 393 -18.84 -9.91 25.48
CA PRO A 393 -19.85 -10.37 24.53
C PRO A 393 -21.27 -9.90 24.89
N ASN A 394 -22.04 -9.51 23.87
CA ASN A 394 -23.44 -9.12 24.07
C ASN A 394 -24.22 -10.40 23.81
N ARG A 395 -24.12 -11.33 24.76
CA ARG A 395 -24.76 -12.64 24.68
C ARG A 395 -26.14 -12.69 24.02
N GLU A 396 -27.02 -11.75 24.39
CA GLU A 396 -28.35 -11.72 23.79
C GLU A 396 -28.28 -11.55 22.28
N ARG A 397 -27.60 -10.50 21.82
CA ARG A 397 -27.44 -10.22 20.39
C ARG A 397 -26.88 -11.42 19.67
N ILE A 398 -25.87 -12.05 20.27
CA ILE A 398 -25.23 -13.21 19.68
C ILE A 398 -26.24 -14.33 19.44
N ASN A 399 -27.04 -14.65 20.46
CA ASN A 399 -28.03 -15.70 20.31
C ASN A 399 -29.15 -15.34 19.33
N GLN A 400 -29.60 -14.08 19.39
CA GLN A 400 -30.65 -13.61 18.50
C GLN A 400 -30.23 -13.87 17.04
N LEU A 401 -29.01 -13.48 16.71
CA LEU A 401 -28.49 -13.67 15.37
C LEU A 401 -28.37 -15.16 15.05
N LEU A 402 -27.85 -15.94 15.99
CA LEU A 402 -27.69 -17.37 15.77
C LEU A 402 -29.02 -18.07 15.46
N ASN A 403 -30.05 -17.70 16.19
CA ASN A 403 -31.38 -18.30 16.02
C ASN A 403 -32.19 -17.63 14.93
N GLU A 404 -31.55 -16.71 14.21
CA GLU A 404 -32.20 -15.99 13.13
C GLU A 404 -31.63 -16.40 11.76
N SER A 405 -30.47 -17.06 11.77
CA SER A 405 -29.85 -17.49 10.52
C SER A 405 -30.39 -18.81 10.01
N LEU A 406 -30.39 -18.97 8.69
CA LEU A 406 -30.87 -20.20 8.07
C LEU A 406 -29.78 -21.28 8.05
N MET A 407 -28.57 -20.92 8.46
CA MET A 407 -27.42 -21.82 8.47
C MET A 407 -27.54 -23.09 9.31
N LEU A 408 -28.43 -23.08 10.30
CA LEU A 408 -28.61 -24.22 11.19
C LEU A 408 -29.39 -25.40 10.59
N VAL A 409 -29.98 -25.18 9.42
CA VAL A 409 -30.76 -26.23 8.74
C VAL A 409 -29.94 -27.50 8.56
N THR A 410 -28.61 -27.36 8.59
CA THR A 410 -27.69 -28.48 8.44
C THR A 410 -27.94 -29.58 9.48
N ALA A 411 -28.24 -29.16 10.70
CA ALA A 411 -28.50 -30.11 11.79
C ALA A 411 -29.70 -31.00 11.49
N LEU A 412 -30.64 -30.45 10.72
CA LEU A 412 -31.85 -31.17 10.37
C LEU A 412 -31.62 -32.26 9.31
N ASN A 413 -30.65 -32.03 8.42
CA ASN A 413 -30.33 -32.99 7.36
C ASN A 413 -30.12 -34.41 7.88
N THR A 414 -29.39 -34.52 8.99
CA THR A 414 -29.10 -35.81 9.61
C THR A 414 -30.37 -36.49 10.13
N HIS A 415 -31.46 -35.73 10.19
CA HIS A 415 -32.73 -36.24 10.69
C HIS A 415 -33.84 -36.15 9.67
N ILE A 416 -33.56 -35.55 8.52
CA ILE A 416 -34.56 -35.40 7.46
C ILE A 416 -33.85 -35.09 6.14
N GLY A 417 -34.33 -35.76 5.08
CA GLY A 417 -33.75 -35.59 3.76
C GLY A 417 -33.33 -34.20 3.36
N TYR A 418 -32.17 -34.11 2.72
CA TYR A 418 -31.58 -32.87 2.25
C TYR A 418 -32.61 -31.89 1.68
N ASP A 419 -33.49 -32.40 0.83
CA ASP A 419 -34.52 -31.58 0.20
C ASP A 419 -35.62 -31.08 1.15
N LYS A 420 -36.07 -31.96 2.05
CA LYS A 420 -37.11 -31.59 3.00
C LYS A 420 -36.59 -30.53 3.95
N ALA A 421 -35.39 -30.77 4.48
CA ALA A 421 -34.74 -29.82 5.39
C ALA A 421 -34.57 -28.51 4.66
N ALA A 422 -34.04 -28.59 3.43
CA ALA A 422 -33.82 -27.41 2.61
C ALA A 422 -35.16 -26.76 2.27
N GLU A 423 -36.22 -27.56 2.26
CA GLU A 423 -37.55 -27.08 1.94
C GLU A 423 -38.03 -26.04 2.95
N ILE A 424 -37.80 -26.29 4.23
CA ILE A 424 -38.21 -25.33 5.26
C ILE A 424 -37.33 -24.09 5.21
N ALA A 425 -36.07 -24.27 4.82
CA ALA A 425 -35.11 -23.17 4.72
C ALA A 425 -35.56 -22.20 3.62
N LYS A 426 -36.16 -22.75 2.57
CA LYS A 426 -36.66 -21.96 1.46
C LYS A 426 -37.84 -21.13 1.95
N LYS A 427 -38.72 -21.76 2.73
CA LYS A 427 -39.89 -21.07 3.27
C LYS A 427 -39.52 -19.99 4.26
N ALA A 428 -38.66 -20.32 5.21
CA ALA A 428 -38.21 -19.36 6.23
C ALA A 428 -37.64 -18.14 5.52
N HIS A 429 -36.72 -18.40 4.60
CA HIS A 429 -36.07 -17.35 3.83
C HIS A 429 -37.08 -16.50 3.06
N LYS A 430 -37.92 -17.17 2.30
CA LYS A 430 -38.94 -16.51 1.49
C LYS A 430 -39.97 -15.74 2.29
N GLU A 431 -40.50 -16.38 3.34
CA GLU A 431 -41.50 -15.77 4.20
C GLU A 431 -40.95 -14.83 5.26
N GLY A 432 -39.64 -14.91 5.51
CA GLY A 432 -39.02 -14.05 6.52
C GLY A 432 -39.17 -14.65 7.91
N LEU A 433 -39.46 -15.94 7.97
CA LEU A 433 -39.62 -16.64 9.23
C LEU A 433 -38.30 -17.21 9.71
N THR A 434 -38.31 -17.78 10.90
CA THR A 434 -37.14 -18.42 11.48
C THR A 434 -37.26 -19.90 11.10
N LEU A 435 -36.15 -20.62 11.16
CA LEU A 435 -36.12 -22.03 10.80
C LEU A 435 -37.17 -22.82 11.58
N LYS A 436 -37.36 -22.50 12.86
CA LYS A 436 -38.35 -23.19 13.67
C LYS A 436 -39.77 -22.86 13.24
N ALA A 437 -40.06 -21.57 13.08
CA ALA A 437 -41.39 -21.13 12.66
C ALA A 437 -41.78 -21.79 11.35
N ALA A 438 -40.84 -21.83 10.41
CA ALA A 438 -41.08 -22.45 9.11
C ALA A 438 -41.21 -23.96 9.25
N ALA A 439 -40.40 -24.56 10.11
CA ALA A 439 -40.44 -25.99 10.34
C ALA A 439 -41.78 -26.44 10.92
N LEU A 440 -42.30 -25.65 11.85
CA LEU A 440 -43.57 -25.96 12.51
C LEU A 440 -44.78 -25.67 11.62
N ALA A 441 -44.73 -24.56 10.90
CA ALA A 441 -45.82 -24.19 10.00
C ALA A 441 -45.91 -25.20 8.85
N LEU A 442 -44.75 -25.68 8.40
CA LEU A 442 -44.68 -26.66 7.32
C LEU A 442 -45.05 -28.04 7.88
N GLY A 443 -45.25 -28.10 9.20
CA GLY A 443 -45.62 -29.33 9.88
C GLY A 443 -44.62 -30.47 9.74
N TYR A 444 -43.38 -30.15 9.39
CA TYR A 444 -42.36 -31.17 9.22
C TYR A 444 -41.82 -31.74 10.53
N LEU A 445 -42.14 -31.09 11.65
CA LEU A 445 -41.70 -31.54 12.96
C LEU A 445 -42.37 -30.76 14.10
N SER A 446 -42.02 -31.11 15.33
CA SER A 446 -42.55 -30.45 16.51
C SER A 446 -41.44 -29.63 17.19
N GLU A 447 -41.83 -28.66 18.01
CA GLU A 447 -40.86 -27.82 18.71
C GLU A 447 -39.85 -28.66 19.48
N ALA A 448 -40.35 -29.67 20.18
CA ALA A 448 -39.51 -30.57 20.98
C ALA A 448 -38.39 -31.21 20.17
N GLU A 449 -38.75 -31.93 19.10
CA GLU A 449 -37.76 -32.59 18.26
C GLU A 449 -36.86 -31.62 17.51
N PHE A 450 -37.39 -30.44 17.18
CA PHE A 450 -36.61 -29.44 16.48
C PHE A 450 -35.44 -29.01 17.37
N ASP A 451 -35.78 -28.51 18.54
CA ASP A 451 -34.79 -28.03 19.51
C ASP A 451 -33.74 -29.09 19.87
N SER A 452 -34.15 -30.34 19.91
CA SER A 452 -33.24 -31.44 20.25
C SER A 452 -32.33 -31.79 19.08
N TRP A 453 -32.74 -31.43 17.87
CA TRP A 453 -31.94 -31.70 16.68
C TRP A 453 -30.97 -30.57 16.35
N VAL A 454 -31.47 -29.34 16.39
CA VAL A 454 -30.64 -28.19 16.09
C VAL A 454 -29.79 -27.81 17.31
N ARG A 455 -28.66 -28.48 17.47
CA ARG A 455 -27.75 -28.24 18.59
C ARG A 455 -26.53 -27.43 18.11
N PRO A 456 -26.61 -26.09 18.14
CA PRO A 456 -25.49 -25.26 17.69
C PRO A 456 -24.20 -25.47 18.50
N GLU A 457 -24.34 -25.80 19.78
CA GLU A 457 -23.18 -26.02 20.64
C GLU A 457 -22.40 -27.28 20.28
N GLN A 458 -22.91 -28.02 19.30
CA GLN A 458 -22.26 -29.24 18.84
C GLN A 458 -21.74 -29.07 17.41
N MET A 459 -21.48 -27.81 17.05
CA MET A 459 -20.97 -27.40 15.74
C MET A 459 -21.89 -27.71 14.56
N MET B 1 7.22 -26.81 -35.92
CA MET B 1 8.12 -27.12 -37.07
C MET B 1 9.55 -27.17 -36.58
N ASN B 2 10.23 -28.29 -36.84
CA ASN B 2 11.60 -28.50 -36.42
C ASN B 2 12.61 -27.80 -37.34
N THR B 3 12.22 -27.58 -38.60
CA THR B 3 13.10 -26.94 -39.58
C THR B 3 13.47 -25.51 -39.20
N VAL B 4 14.76 -25.22 -39.29
CA VAL B 4 15.27 -23.89 -38.96
C VAL B 4 15.65 -23.12 -40.22
N ARG B 5 15.96 -21.85 -40.02
CA ARG B 5 16.38 -20.93 -41.07
C ARG B 5 17.60 -20.22 -40.48
N SER B 6 18.59 -19.96 -41.31
CA SER B 6 19.77 -19.29 -40.81
C SER B 6 19.61 -17.79 -41.03
N GLU B 7 19.52 -17.06 -39.92
CA GLU B 7 19.39 -15.61 -39.97
C GLU B 7 20.70 -15.09 -39.40
N LYS B 8 21.05 -13.85 -39.68
CA LYS B 8 22.28 -13.34 -39.12
C LYS B 8 22.29 -11.85 -38.80
N ASP B 9 23.18 -11.48 -37.90
CA ASP B 9 23.34 -10.09 -37.47
C ASP B 9 24.84 -9.82 -37.31
N SER B 10 25.16 -8.63 -36.80
CA SER B 10 26.56 -8.24 -36.59
C SER B 10 27.36 -9.27 -35.80
N MET B 11 26.68 -9.98 -34.92
CA MET B 11 27.32 -10.99 -34.09
C MET B 11 27.48 -12.33 -34.82
N GLY B 12 26.78 -12.50 -35.94
CA GLY B 12 26.90 -13.75 -36.67
C GLY B 12 25.58 -14.38 -37.06
N ALA B 13 25.62 -15.67 -37.36
CA ALA B 13 24.43 -16.42 -37.76
C ALA B 13 23.83 -17.23 -36.63
N ILE B 14 22.50 -17.34 -36.63
CA ILE B 14 21.78 -18.09 -35.63
C ILE B 14 20.52 -18.68 -36.24
N ASP B 15 20.12 -19.86 -35.75
CA ASP B 15 18.93 -20.53 -36.27
C ASP B 15 17.64 -20.01 -35.69
N VAL B 16 16.68 -19.80 -36.58
CA VAL B 16 15.35 -19.31 -36.25
C VAL B 16 14.35 -20.33 -36.81
N PRO B 17 13.25 -20.59 -36.09
CA PRO B 17 12.30 -21.54 -36.66
C PRO B 17 11.84 -21.04 -38.02
N ALA B 18 11.95 -21.90 -39.02
CA ALA B 18 11.58 -21.55 -40.39
C ALA B 18 10.19 -20.97 -40.54
N ASP B 19 9.26 -21.44 -39.73
CA ASP B 19 7.87 -20.96 -39.79
C ASP B 19 7.63 -19.60 -39.14
N LYS B 20 8.70 -18.99 -38.59
CA LYS B 20 8.55 -17.70 -37.93
C LYS B 20 9.13 -16.55 -38.74
N LEU B 21 8.55 -15.37 -38.55
CA LEU B 21 8.96 -14.17 -39.25
C LEU B 21 10.06 -13.31 -38.60
N TRP B 22 10.43 -13.61 -37.36
CA TRP B 22 11.45 -12.81 -36.69
C TRP B 22 12.87 -13.12 -37.19
N GLY B 23 13.86 -12.40 -36.70
CA GLY B 23 15.22 -12.62 -37.16
C GLY B 23 16.24 -13.00 -36.11
N ALA B 24 17.51 -12.76 -36.45
CA ALA B 24 18.64 -13.08 -35.60
C ALA B 24 18.62 -12.44 -34.21
N GLN B 25 18.39 -11.13 -34.15
CA GLN B 25 18.38 -10.42 -32.88
C GLN B 25 17.26 -10.88 -31.95
N THR B 26 16.09 -11.12 -32.50
CA THR B 26 14.97 -11.59 -31.70
C THR B 26 15.29 -12.98 -31.13
N GLN B 27 15.96 -13.80 -31.92
CA GLN B 27 16.33 -15.14 -31.48
C GLN B 27 17.34 -15.09 -30.33
N ARG B 28 18.30 -14.17 -30.40
CA ARG B 28 19.30 -14.02 -29.34
C ARG B 28 18.67 -13.56 -28.03
N SER B 29 17.77 -12.59 -28.12
CA SER B 29 17.09 -12.06 -26.94
C SER B 29 16.24 -13.16 -26.29
N LEU B 30 15.58 -13.93 -27.15
CA LEU B 30 14.74 -15.02 -26.71
C LEU B 30 15.52 -16.04 -25.89
N GLU B 31 16.77 -16.28 -26.28
CA GLU B 31 17.63 -17.23 -25.58
C GLU B 31 18.41 -16.65 -24.42
N HIS B 32 18.51 -15.32 -24.36
CA HIS B 32 19.24 -14.67 -23.29
C HIS B 32 18.38 -14.17 -22.14
N PHE B 33 17.11 -13.95 -22.42
CA PHE B 33 16.20 -13.44 -21.41
C PHE B 33 15.01 -14.36 -21.13
N ARG B 34 15.29 -15.59 -20.74
CA ARG B 34 14.25 -16.54 -20.41
C ARG B 34 13.87 -16.25 -18.96
N ILE B 35 13.13 -15.17 -18.76
CA ILE B 35 12.71 -14.73 -17.42
C ILE B 35 11.19 -14.63 -17.26
N SER B 36 10.66 -15.48 -16.40
CA SER B 36 9.24 -15.50 -16.10
C SER B 36 8.37 -15.74 -17.34
N THR B 37 7.13 -15.24 -17.33
CA THR B 37 6.20 -15.47 -18.42
C THR B 37 5.58 -14.24 -19.07
N GLU B 38 5.84 -13.06 -18.52
CA GLU B 38 5.25 -11.83 -19.05
C GLU B 38 5.90 -11.42 -20.38
N LYS B 39 5.06 -11.17 -21.38
CA LYS B 39 5.56 -10.74 -22.70
C LYS B 39 4.91 -9.38 -22.95
N MET B 40 5.31 -8.71 -24.02
CA MET B 40 4.72 -7.41 -24.31
C MET B 40 3.20 -7.54 -24.53
N PRO B 41 2.42 -6.57 -24.02
CA PRO B 41 0.95 -6.56 -24.15
C PRO B 41 0.59 -6.39 -25.62
N THR B 42 -0.54 -6.95 -26.02
CA THR B 42 -1.01 -6.85 -27.39
C THR B 42 -1.16 -5.39 -27.80
N SER B 43 -1.66 -4.58 -26.87
CA SER B 43 -1.84 -3.15 -27.11
C SER B 43 -0.51 -2.46 -27.41
N LEU B 44 0.54 -2.86 -26.71
CA LEU B 44 1.85 -2.25 -26.92
C LEU B 44 2.39 -2.67 -28.29
N ILE B 45 2.19 -3.94 -28.64
CA ILE B 45 2.65 -4.46 -29.94
C ILE B 45 2.00 -3.66 -31.05
N HIS B 46 0.69 -3.47 -30.96
CA HIS B 46 -0.04 -2.73 -31.97
C HIS B 46 0.42 -1.28 -32.05
N ALA B 47 0.76 -0.70 -30.90
CA ALA B 47 1.22 0.69 -30.87
C ALA B 47 2.56 0.80 -31.58
N LEU B 48 3.41 -0.20 -31.40
CA LEU B 48 4.71 -0.23 -32.03
C LEU B 48 4.53 -0.33 -33.55
N ALA B 49 3.53 -1.09 -33.98
CA ALA B 49 3.24 -1.27 -35.40
C ALA B 49 2.72 0.05 -35.98
N LEU B 50 1.85 0.72 -35.24
CA LEU B 50 1.32 2.02 -35.67
C LEU B 50 2.47 3.01 -35.83
N THR B 51 3.42 2.97 -34.91
CA THR B 51 4.58 3.85 -34.95
C THR B 51 5.42 3.60 -36.21
N LYS B 52 5.67 2.34 -36.53
CA LYS B 52 6.45 1.96 -37.71
C LYS B 52 5.68 2.32 -38.99
N ARG B 53 4.36 2.17 -38.94
CA ARG B 53 3.50 2.48 -40.08
C ARG B 53 3.58 3.98 -40.39
N ALA B 54 3.57 4.80 -39.34
CA ALA B 54 3.65 6.25 -39.48
C ALA B 54 5.03 6.69 -39.93
N ALA B 55 6.05 6.07 -39.37
CA ALA B 55 7.44 6.37 -39.71
C ALA B 55 7.69 6.12 -41.19
N ALA B 56 7.08 5.06 -41.70
CA ALA B 56 7.22 4.68 -43.11
C ALA B 56 6.57 5.71 -44.03
N LYS B 57 5.31 6.05 -43.74
CA LYS B 57 4.58 7.02 -44.53
C LYS B 57 5.36 8.33 -44.66
N VAL B 58 5.79 8.87 -43.53
CA VAL B 58 6.54 10.10 -43.50
C VAL B 58 7.91 9.97 -44.18
N ASN B 59 8.54 8.81 -44.02
CA ASN B 59 9.83 8.56 -44.66
C ASN B 59 9.61 8.60 -46.17
N GLU B 60 8.46 8.08 -46.60
CA GLU B 60 8.12 8.07 -48.01
C GLU B 60 7.91 9.52 -48.45
N ASP B 61 7.12 10.27 -47.68
CA ASP B 61 6.84 11.67 -47.99
C ASP B 61 8.10 12.50 -48.13
N LEU B 62 9.11 12.21 -47.33
CA LEU B 62 10.37 12.95 -47.40
C LEU B 62 11.32 12.33 -48.42
N GLY B 63 10.81 11.38 -49.20
CA GLY B 63 11.59 10.70 -50.22
C GLY B 63 12.75 9.91 -49.67
N LEU B 64 12.66 9.51 -48.41
CA LEU B 64 13.72 8.72 -47.77
C LEU B 64 13.51 7.24 -48.02
N LEU B 65 12.28 6.87 -48.38
CA LEU B 65 11.94 5.48 -48.66
C LEU B 65 11.22 5.38 -50.00
N SER B 66 11.55 4.34 -50.75
CA SER B 66 10.91 4.09 -52.03
C SER B 66 9.45 3.76 -51.79
N GLU B 67 8.57 4.35 -52.59
CA GLU B 67 7.14 4.14 -52.47
C GLU B 67 6.78 2.67 -52.31
N GLU B 68 7.40 1.81 -53.12
CA GLU B 68 7.14 0.37 -53.07
C GLU B 68 7.50 -0.25 -51.73
N LYS B 69 8.71 0.04 -51.26
CA LYS B 69 9.20 -0.48 -50.00
C LYS B 69 8.36 0.05 -48.84
N ALA B 70 8.03 1.33 -48.91
CA ALA B 70 7.23 1.99 -47.88
C ALA B 70 5.84 1.37 -47.77
N SER B 71 5.15 1.24 -48.90
CA SER B 71 3.81 0.66 -48.89
C SER B 71 3.83 -0.77 -48.37
N ALA B 72 4.89 -1.50 -48.68
CA ALA B 72 5.02 -2.89 -48.23
C ALA B 72 5.10 -2.95 -46.70
N ILE B 73 5.99 -2.14 -46.13
CA ILE B 73 6.16 -2.09 -44.68
C ILE B 73 4.83 -1.70 -44.04
N ARG B 74 4.20 -0.70 -44.64
CA ARG B 74 2.92 -0.19 -44.16
C ARG B 74 1.85 -1.29 -44.17
N GLN B 75 1.84 -2.11 -45.21
CA GLN B 75 0.88 -3.19 -45.35
C GLN B 75 1.14 -4.32 -44.35
N ALA B 76 2.41 -4.58 -44.08
CA ALA B 76 2.82 -5.60 -43.12
C ALA B 76 2.39 -5.20 -41.70
N ALA B 77 2.51 -3.92 -41.39
CA ALA B 77 2.10 -3.39 -40.09
C ALA B 77 0.60 -3.59 -39.89
N ASP B 78 -0.17 -3.29 -40.92
CA ASP B 78 -1.61 -3.44 -40.87
C ASP B 78 -2.03 -4.87 -40.52
N GLU B 79 -1.24 -5.85 -40.95
CA GLU B 79 -1.53 -7.25 -40.66
C GLU B 79 -1.33 -7.49 -39.17
N VAL B 80 -0.33 -6.82 -38.60
CA VAL B 80 -0.05 -6.93 -37.19
C VAL B 80 -1.24 -6.34 -36.45
N LEU B 81 -1.67 -5.17 -36.91
CA LEU B 81 -2.80 -4.48 -36.31
C LEU B 81 -4.08 -5.31 -36.41
N ALA B 82 -4.21 -6.05 -37.50
CA ALA B 82 -5.39 -6.89 -37.72
C ALA B 82 -5.34 -8.17 -36.88
N GLY B 83 -4.22 -8.36 -36.17
CA GLY B 83 -4.07 -9.52 -35.30
C GLY B 83 -3.59 -10.78 -36.00
N GLN B 84 -2.96 -10.61 -37.15
CA GLN B 84 -2.48 -11.75 -37.92
C GLN B 84 -1.10 -12.27 -37.53
N HIS B 85 -0.38 -11.56 -36.66
CA HIS B 85 0.95 -12.00 -36.26
C HIS B 85 1.23 -11.94 -34.76
N ASP B 86 0.20 -12.11 -33.95
CA ASP B 86 0.34 -12.07 -32.51
C ASP B 86 1.39 -13.03 -31.97
N ASP B 87 1.62 -14.11 -32.71
CA ASP B 87 2.58 -15.13 -32.30
C ASP B 87 4.04 -14.84 -32.71
N GLU B 88 4.27 -13.68 -33.32
CA GLU B 88 5.59 -13.30 -33.78
C GLU B 88 6.40 -12.46 -32.78
N PHE B 89 5.84 -12.23 -31.59
CA PHE B 89 6.52 -11.42 -30.57
C PHE B 89 6.61 -12.18 -29.25
N PRO B 90 7.66 -13.01 -29.11
CA PRO B 90 7.90 -13.85 -27.92
C PRO B 90 8.80 -13.28 -26.84
N LEU B 91 9.30 -12.07 -27.02
CA LEU B 91 10.19 -11.48 -26.03
C LEU B 91 9.53 -11.12 -24.70
N ALA B 92 10.25 -11.40 -23.62
CA ALA B 92 9.78 -11.12 -22.29
C ALA B 92 9.86 -9.62 -21.99
N ILE B 93 9.08 -9.18 -21.01
CA ILE B 93 9.06 -7.79 -20.55
C ILE B 93 10.45 -7.49 -19.96
N TRP B 94 11.00 -8.52 -19.32
CA TRP B 94 12.29 -8.47 -18.63
C TRP B 94 13.45 -8.60 -19.60
N GLN B 95 13.66 -7.55 -20.39
CA GLN B 95 14.73 -7.51 -21.38
C GLN B 95 15.54 -6.24 -21.14
N THR B 96 16.17 -5.74 -22.19
CA THR B 96 16.93 -4.51 -22.08
C THR B 96 15.96 -3.38 -21.68
N GLY B 97 16.36 -2.55 -20.75
CA GLY B 97 15.51 -1.47 -20.26
C GLY B 97 15.01 -0.41 -21.22
N SER B 98 15.59 -0.34 -22.41
CA SER B 98 15.18 0.64 -23.41
C SER B 98 14.09 0.09 -24.32
N GLY B 99 13.90 -1.22 -24.28
CA GLY B 99 12.92 -1.85 -25.14
C GLY B 99 13.45 -2.02 -26.56
N THR B 100 14.78 -1.96 -26.69
CA THR B 100 15.49 -2.09 -27.96
C THR B 100 15.20 -3.44 -28.64
N GLN B 101 15.24 -4.51 -27.85
CA GLN B 101 15.02 -5.84 -28.37
C GLN B 101 13.64 -6.01 -28.99
N SER B 102 12.61 -5.42 -28.40
CA SER B 102 11.27 -5.50 -28.95
C SER B 102 11.13 -4.61 -30.18
N ASN B 103 11.91 -3.53 -30.22
CA ASN B 103 11.87 -2.66 -31.38
C ASN B 103 12.42 -3.47 -32.55
N MET B 104 13.54 -4.16 -32.30
CA MET B 104 14.17 -5.00 -33.32
C MET B 104 13.25 -6.14 -33.74
N ASN B 105 12.47 -6.65 -32.79
CA ASN B 105 11.51 -7.73 -33.05
C ASN B 105 10.51 -7.26 -34.10
N MET B 106 10.01 -6.04 -33.93
CA MET B 106 9.06 -5.48 -34.87
C MET B 106 9.75 -5.17 -36.20
N ASN B 107 11.01 -4.75 -36.14
CA ASN B 107 11.75 -4.43 -37.36
C ASN B 107 11.96 -5.68 -38.20
N GLU B 108 12.37 -6.76 -37.55
CA GLU B 108 12.62 -8.04 -38.22
C GLU B 108 11.37 -8.66 -38.79
N VAL B 109 10.29 -8.70 -38.00
CA VAL B 109 9.02 -9.25 -38.46
C VAL B 109 8.50 -8.43 -39.64
N LEU B 110 8.54 -7.11 -39.50
CA LEU B 110 8.06 -6.23 -40.56
C LEU B 110 8.91 -6.35 -41.83
N ALA B 111 10.22 -6.51 -41.68
CA ALA B 111 11.09 -6.66 -42.85
C ALA B 111 10.82 -7.97 -43.58
N ASN B 112 10.90 -9.09 -42.86
CA ASN B 112 10.66 -10.41 -43.41
C ASN B 112 9.31 -10.52 -44.09
N ARG B 113 8.30 -9.86 -43.54
CA ARG B 113 6.96 -9.91 -44.13
C ARG B 113 6.81 -8.98 -45.34
N ALA B 114 7.37 -7.78 -45.24
CA ALA B 114 7.31 -6.82 -46.35
C ALA B 114 8.04 -7.38 -47.55
N SER B 115 9.12 -8.11 -47.29
CA SER B 115 9.92 -8.73 -48.33
C SER B 115 9.01 -9.66 -49.13
N GLU B 116 8.36 -10.58 -48.44
CA GLU B 116 7.46 -11.51 -49.08
C GLU B 116 6.41 -10.76 -49.89
N LEU B 117 5.83 -9.72 -49.30
CA LEU B 117 4.81 -8.89 -49.95
C LEU B 117 5.32 -8.26 -51.25
N LEU B 118 6.63 -8.11 -51.38
CA LEU B 118 7.24 -7.55 -52.57
C LEU B 118 7.69 -8.67 -53.52
N GLY B 119 7.15 -9.86 -53.30
CA GLY B 119 7.51 -11.00 -54.14
C GLY B 119 8.80 -11.63 -53.68
N GLY B 120 9.42 -11.09 -52.64
CA GLY B 120 10.66 -11.63 -52.13
C GLY B 120 10.48 -12.79 -51.16
N VAL B 121 11.56 -13.16 -50.48
CA VAL B 121 11.54 -14.25 -49.53
C VAL B 121 12.00 -13.74 -48.16
N ARG B 122 11.64 -14.44 -47.10
CA ARG B 122 12.07 -14.03 -45.78
C ARG B 122 13.48 -14.58 -45.57
N GLY B 123 14.22 -13.98 -44.63
CA GLY B 123 15.56 -14.47 -44.37
C GLY B 123 16.65 -13.55 -44.80
N MET B 124 17.87 -14.06 -44.85
CA MET B 124 19.03 -13.26 -45.21
C MET B 124 19.18 -12.80 -46.66
N GLU B 125 18.11 -12.93 -47.44
CA GLU B 125 18.13 -12.47 -48.83
C GLU B 125 16.80 -11.76 -49.11
N ARG B 126 16.32 -11.09 -48.07
CA ARG B 126 15.07 -10.33 -48.10
C ARG B 126 15.22 -9.00 -48.85
N LYS B 127 14.14 -8.56 -49.48
CA LYS B 127 14.13 -7.31 -50.21
C LYS B 127 14.10 -6.10 -49.28
N VAL B 128 13.41 -6.25 -48.14
CA VAL B 128 13.29 -5.18 -47.16
C VAL B 128 14.20 -5.50 -45.97
N HIS B 129 14.91 -4.48 -45.48
CA HIS B 129 15.83 -4.65 -44.36
C HIS B 129 15.34 -4.06 -43.05
N PRO B 130 15.53 -4.79 -41.95
CA PRO B 130 15.10 -4.37 -40.61
C PRO B 130 15.60 -2.99 -40.20
N ASN B 131 16.92 -2.85 -40.11
CA ASN B 131 17.50 -1.58 -39.70
C ASN B 131 17.45 -0.49 -40.77
N ASP B 132 18.08 -0.75 -41.90
CA ASP B 132 18.14 0.22 -42.99
C ASP B 132 16.81 0.73 -43.50
N ASP B 133 15.79 -0.12 -43.53
CA ASP B 133 14.49 0.32 -44.02
C ASP B 133 13.41 0.56 -42.97
N VAL B 134 13.07 -0.49 -42.23
CA VAL B 134 12.00 -0.39 -41.25
C VAL B 134 12.33 0.55 -40.08
N ASN B 135 13.59 0.62 -39.68
CA ASN B 135 14.00 1.48 -38.57
C ASN B 135 14.57 2.81 -39.08
N LYS B 136 14.31 3.14 -40.33
CA LYS B 136 14.81 4.37 -40.95
C LYS B 136 14.36 5.66 -40.26
N SER B 137 15.34 6.54 -40.01
CA SER B 137 15.10 7.83 -39.36
C SER B 137 14.69 7.70 -37.89
N GLN B 138 14.82 6.49 -37.35
CA GLN B 138 14.43 6.24 -35.96
C GLN B 138 15.58 5.72 -35.08
N SER B 139 15.27 5.50 -33.81
CA SER B 139 16.23 4.98 -32.85
C SER B 139 15.38 4.18 -31.88
N SER B 140 15.95 3.14 -31.28
CA SER B 140 15.22 2.32 -30.31
C SER B 140 14.86 3.21 -29.13
N ASN B 141 15.76 4.14 -28.85
CA ASN B 141 15.63 5.09 -27.76
C ASN B 141 14.42 5.99 -27.86
N ASP B 142 14.04 6.40 -29.06
CA ASP B 142 12.86 7.27 -29.19
C ASP B 142 11.61 6.56 -29.70
N VAL B 143 11.78 5.35 -30.23
CA VAL B 143 10.65 4.58 -30.75
C VAL B 143 9.83 3.95 -29.61
N PHE B 144 10.49 3.28 -28.67
CA PHE B 144 9.80 2.63 -27.56
C PHE B 144 9.00 3.62 -26.72
N PRO B 145 9.61 4.75 -26.33
CA PRO B 145 8.88 5.74 -25.54
C PRO B 145 7.63 6.18 -26.28
N THR B 146 7.75 6.35 -27.59
CA THR B 146 6.63 6.78 -28.43
C THR B 146 5.52 5.74 -28.42
N ALA B 147 5.90 4.48 -28.58
CA ALA B 147 4.94 3.37 -28.58
C ALA B 147 4.23 3.33 -27.24
N MET B 148 4.99 3.59 -26.17
CA MET B 148 4.44 3.61 -24.81
C MET B 148 3.30 4.60 -24.67
N HIS B 149 3.49 5.81 -25.18
CA HIS B 149 2.46 6.84 -25.10
C HIS B 149 1.28 6.60 -26.01
N VAL B 150 1.54 6.04 -27.18
CA VAL B 150 0.45 5.73 -28.13
C VAL B 150 -0.47 4.71 -27.47
N ALA B 151 0.13 3.65 -26.94
CA ALA B 151 -0.62 2.60 -26.26
C ALA B 151 -1.36 3.15 -25.05
N ALA B 152 -0.65 3.93 -24.24
CA ALA B 152 -1.22 4.52 -23.03
C ALA B 152 -2.40 5.44 -23.32
N LEU B 153 -2.23 6.40 -24.22
CA LEU B 153 -3.29 7.32 -24.57
C LEU B 153 -4.52 6.65 -25.16
N LEU B 154 -4.32 5.71 -26.08
CA LEU B 154 -5.45 5.00 -26.70
C LEU B 154 -6.21 4.13 -25.69
N ALA B 155 -5.49 3.47 -24.78
CA ALA B 155 -6.15 2.63 -23.78
C ALA B 155 -6.99 3.49 -22.83
N LEU B 156 -6.48 4.65 -22.47
CA LEU B 156 -7.21 5.55 -21.57
C LEU B 156 -8.47 6.10 -22.22
N ARG B 157 -8.33 6.53 -23.47
CA ARG B 157 -9.44 7.12 -24.21
C ARG B 157 -10.47 6.14 -24.74
N LYS B 158 -10.04 4.97 -25.16
CA LYS B 158 -10.97 4.01 -25.73
C LYS B 158 -11.47 2.90 -24.83
N GLN B 159 -10.72 2.59 -23.78
CA GLN B 159 -11.15 1.55 -22.84
C GLN B 159 -11.60 2.12 -21.50
N LEU B 160 -10.67 2.72 -20.77
CA LEU B 160 -10.92 3.28 -19.45
C LEU B 160 -12.05 4.29 -19.34
N ILE B 161 -11.89 5.45 -19.97
CA ILE B 161 -12.90 6.51 -19.90
C ILE B 161 -14.35 6.11 -20.22
N PRO B 162 -14.59 5.43 -21.36
CA PRO B 162 -15.96 5.03 -21.69
C PRO B 162 -16.60 4.17 -20.59
N GLN B 163 -15.83 3.24 -20.02
CA GLN B 163 -16.36 2.39 -18.98
C GLN B 163 -16.70 3.18 -17.72
N LEU B 164 -15.85 4.17 -17.42
CA LEU B 164 -16.05 5.03 -16.26
C LEU B 164 -17.36 5.81 -16.42
N LYS B 165 -17.54 6.41 -17.59
CA LYS B 165 -18.76 7.16 -17.86
C LYS B 165 -20.01 6.30 -17.73
N THR B 166 -19.93 5.06 -18.20
CA THR B 166 -21.06 4.13 -18.15
C THR B 166 -21.46 3.76 -16.72
N LEU B 167 -20.46 3.45 -15.88
CA LEU B 167 -20.75 3.10 -14.50
C LEU B 167 -21.36 4.31 -13.80
N THR B 168 -20.80 5.48 -14.07
CA THR B 168 -21.28 6.72 -13.48
C THR B 168 -22.76 6.94 -13.80
N GLN B 169 -23.12 6.72 -15.06
CA GLN B 169 -24.50 6.90 -15.51
C GLN B 169 -25.42 5.94 -14.74
N THR B 170 -25.02 4.69 -14.65
CA THR B 170 -25.81 3.71 -13.95
C THR B 170 -26.06 4.12 -12.50
N LEU B 171 -24.99 4.44 -11.78
CA LEU B 171 -25.10 4.86 -10.39
C LEU B 171 -25.96 6.10 -10.26
N ASN B 172 -25.87 7.01 -11.24
CA ASN B 172 -26.67 8.22 -11.20
C ASN B 172 -28.16 7.88 -11.31
N GLU B 173 -28.49 6.90 -12.15
CA GLU B 173 -29.88 6.47 -12.30
C GLU B 173 -30.38 5.87 -10.99
N LYS B 174 -29.53 5.07 -10.33
CA LYS B 174 -29.88 4.45 -9.06
C LYS B 174 -30.08 5.53 -7.98
N SER B 175 -29.28 6.58 -8.06
CA SER B 175 -29.35 7.69 -7.13
C SER B 175 -30.71 8.36 -7.19
N ARG B 176 -31.16 8.68 -8.40
CA ARG B 176 -32.46 9.31 -8.60
C ARG B 176 -33.61 8.42 -8.16
N ALA B 177 -33.48 7.13 -8.45
CA ALA B 177 -34.51 6.16 -8.12
C ALA B 177 -34.76 5.95 -6.62
N PHE B 178 -33.70 5.97 -5.83
CA PHE B 178 -33.82 5.74 -4.40
C PHE B 178 -33.73 7.04 -3.60
N ALA B 179 -34.05 8.16 -4.25
CA ALA B 179 -33.98 9.48 -3.63
C ALA B 179 -34.88 9.66 -2.40
N ASP B 180 -36.01 8.98 -2.40
CA ASP B 180 -36.98 9.08 -1.32
C ASP B 180 -36.78 8.05 -0.23
N ILE B 181 -35.87 7.11 -0.44
CA ILE B 181 -35.63 6.08 0.55
C ILE B 181 -34.72 6.52 1.69
N VAL B 182 -35.30 6.74 2.87
CA VAL B 182 -34.55 7.17 4.05
C VAL B 182 -33.95 5.99 4.79
N LYS B 183 -32.66 6.10 5.09
CA LYS B 183 -31.93 5.07 5.82
C LYS B 183 -31.06 5.66 6.93
N ILE B 184 -30.57 4.79 7.80
CA ILE B 184 -29.72 5.20 8.92
C ILE B 184 -28.28 5.44 8.45
N GLY B 185 -27.72 6.58 8.83
CA GLY B 185 -26.34 6.89 8.46
C GLY B 185 -25.42 6.14 9.39
N ARG B 186 -24.15 6.02 9.01
CA ARG B 186 -23.15 5.33 9.83
C ARG B 186 -21.80 6.04 9.74
N THR B 187 -21.28 6.44 10.89
CA THR B 187 -19.98 7.11 11.00
C THR B 187 -19.21 6.30 12.03
N HIS B 188 -17.95 5.99 11.77
CA HIS B 188 -17.15 5.18 12.69
C HIS B 188 -17.79 3.79 12.83
N LEU B 189 -18.59 3.39 11.84
CA LEU B 189 -19.31 2.11 11.85
C LEU B 189 -20.51 2.10 12.82
N GLN B 190 -20.70 3.23 13.52
CA GLN B 190 -21.79 3.40 14.50
C GLN B 190 -22.99 4.08 13.87
N ASP B 191 -24.18 3.78 14.39
CA ASP B 191 -25.43 4.37 13.89
C ASP B 191 -25.31 5.87 13.99
N ALA B 192 -25.82 6.58 13.00
CA ALA B 192 -25.75 8.03 12.99
C ALA B 192 -27.03 8.60 12.43
N THR B 193 -27.03 9.91 12.21
CA THR B 193 -28.19 10.61 11.69
C THR B 193 -28.54 10.11 10.28
N PRO B 194 -29.85 10.00 9.96
CA PRO B 194 -30.39 9.53 8.68
C PRO B 194 -29.98 10.30 7.43
N LEU B 195 -30.13 9.62 6.29
CA LEU B 195 -29.87 10.18 4.97
C LEU B 195 -30.55 9.22 4.00
N THR B 196 -30.90 9.70 2.80
CA THR B 196 -31.53 8.82 1.83
C THR B 196 -30.49 7.98 1.11
N LEU B 197 -30.90 6.81 0.64
CA LEU B 197 -30.02 5.92 -0.10
C LEU B 197 -29.52 6.64 -1.35
N GLY B 198 -30.41 7.43 -1.94
CA GLY B 198 -30.07 8.20 -3.12
C GLY B 198 -28.94 9.18 -2.85
N GLN B 199 -28.91 9.77 -1.66
CA GLN B 199 -27.87 10.73 -1.29
C GLN B 199 -26.55 10.00 -1.10
N GLU B 200 -26.63 8.83 -0.48
CA GLU B 200 -25.44 8.02 -0.24
C GLU B 200 -24.84 7.59 -1.57
N ILE B 201 -25.69 7.24 -2.53
CA ILE B 201 -25.23 6.83 -3.85
C ILE B 201 -24.72 8.04 -4.65
N SER B 202 -25.32 9.21 -4.42
CA SER B 202 -24.87 10.41 -5.13
C SER B 202 -23.40 10.68 -4.80
N GLY B 203 -22.96 10.21 -3.62
CA GLY B 203 -21.59 10.37 -3.20
C GLY B 203 -20.68 9.57 -4.12
N TRP B 204 -21.10 8.35 -4.48
CA TRP B 204 -20.31 7.50 -5.38
C TRP B 204 -20.25 8.16 -6.75
N VAL B 205 -21.35 8.77 -7.16
CA VAL B 205 -21.42 9.45 -8.45
C VAL B 205 -20.43 10.60 -8.51
N ALA B 206 -20.46 11.47 -7.51
CA ALA B 206 -19.54 12.61 -7.45
C ALA B 206 -18.08 12.14 -7.42
N MET B 207 -17.82 11.00 -6.79
CA MET B 207 -16.46 10.49 -6.72
C MET B 207 -16.00 10.14 -8.14
N LEU B 208 -16.85 9.41 -8.86
CA LEU B 208 -16.53 9.00 -10.21
C LEU B 208 -16.39 10.19 -11.16
N GLU B 209 -17.22 11.21 -10.96
CA GLU B 209 -17.15 12.41 -11.80
C GLU B 209 -15.85 13.16 -11.55
N HIS B 210 -15.41 13.21 -10.30
CA HIS B 210 -14.18 13.89 -9.95
C HIS B 210 -12.99 13.16 -10.54
N ASN B 211 -13.06 11.83 -10.52
CA ASN B 211 -11.98 11.01 -11.06
C ASN B 211 -11.80 11.19 -12.55
N LEU B 212 -12.90 11.37 -13.26
CA LEU B 212 -12.86 11.57 -14.70
C LEU B 212 -12.06 12.82 -15.02
N LYS B 213 -12.33 13.92 -14.30
CA LYS B 213 -11.60 15.17 -14.52
C LYS B 213 -10.10 15.00 -14.30
N HIS B 214 -9.74 14.33 -13.21
CA HIS B 214 -8.33 14.09 -12.89
C HIS B 214 -7.66 13.30 -14.00
N ILE B 215 -8.34 12.29 -14.52
CA ILE B 215 -7.79 11.46 -15.58
C ILE B 215 -7.62 12.31 -16.85
N GLU B 216 -8.61 13.15 -17.13
CA GLU B 216 -8.54 14.01 -18.30
C GLU B 216 -7.36 14.96 -18.24
N TYR B 217 -7.05 15.44 -17.02
CA TYR B 217 -5.94 16.37 -16.82
C TYR B 217 -4.57 15.75 -17.08
N SER B 218 -4.48 14.43 -16.98
CA SER B 218 -3.21 13.76 -17.22
C SER B 218 -2.95 13.41 -18.69
N LEU B 219 -3.97 13.54 -19.54
CA LEU B 219 -3.85 13.17 -20.95
C LEU B 219 -2.91 13.99 -21.83
N PRO B 220 -2.97 15.32 -21.78
CA PRO B 220 -2.08 16.11 -22.63
C PRO B 220 -0.59 15.85 -22.48
N HIS B 221 -0.15 15.43 -21.31
CA HIS B 221 1.26 15.14 -21.10
C HIS B 221 1.57 13.78 -21.76
N VAL B 222 0.61 12.86 -21.73
CA VAL B 222 0.79 11.53 -22.35
C VAL B 222 0.77 11.64 -23.89
N ALA B 223 0.06 12.63 -24.41
CA ALA B 223 -0.04 12.86 -25.85
C ALA B 223 1.28 13.33 -26.49
N GLU B 224 2.25 13.68 -25.66
CA GLU B 224 3.54 14.14 -26.14
C GLU B 224 4.41 12.96 -26.55
N LEU B 225 4.80 12.95 -27.82
CA LEU B 225 5.63 11.88 -28.39
C LEU B 225 7.11 12.24 -28.51
N ALA B 226 7.96 11.29 -28.15
CA ALA B 226 9.41 11.47 -28.19
C ALA B 226 10.02 11.25 -29.57
N LEU B 227 9.24 10.72 -30.51
CA LEU B 227 9.74 10.43 -31.84
C LEU B 227 10.35 11.66 -32.53
N GLY B 228 11.64 11.53 -32.84
CA GLY B 228 12.38 12.61 -33.47
C GLY B 228 13.61 12.93 -32.65
N GLY B 229 13.59 12.57 -31.38
CA GLY B 229 14.71 12.85 -30.48
C GLY B 229 15.92 11.97 -30.74
N THR B 230 15.70 10.85 -31.43
CA THR B 230 16.74 9.87 -31.75
C THR B 230 17.47 9.29 -30.52
N ALA B 231 18.77 9.08 -30.63
CA ALA B 231 19.57 8.50 -29.56
C ALA B 231 19.56 9.23 -28.22
N VAL B 232 19.97 10.49 -28.22
CA VAL B 232 20.04 11.25 -26.97
C VAL B 232 19.07 12.41 -26.84
N GLY B 233 18.25 12.63 -27.86
CA GLY B 233 17.28 13.72 -27.80
C GLY B 233 17.56 14.89 -28.73
N THR B 234 18.80 14.99 -29.21
CA THR B 234 19.20 16.05 -30.11
C THR B 234 18.54 15.97 -31.48
N GLY B 235 18.12 14.77 -31.88
CA GLY B 235 17.49 14.60 -33.17
C GLY B 235 18.50 14.41 -34.29
N LEU B 236 19.74 14.12 -33.90
CA LEU B 236 20.83 13.91 -34.85
C LEU B 236 20.44 12.77 -35.78
N ASN B 237 20.69 12.95 -37.07
CA ASN B 237 20.38 11.97 -38.10
C ASN B 237 18.87 11.86 -38.32
N THR B 238 18.24 12.99 -38.58
CA THR B 238 16.80 13.05 -38.81
C THR B 238 16.47 14.32 -39.57
N HIS B 239 15.48 14.25 -40.45
CA HIS B 239 15.05 15.39 -41.24
C HIS B 239 14.35 16.34 -40.26
N PRO B 240 14.71 17.63 -40.29
CA PRO B 240 14.12 18.64 -39.41
C PRO B 240 12.59 18.64 -39.25
N GLU B 241 11.85 18.20 -40.26
CA GLU B 241 10.39 18.17 -40.17
C GLU B 241 9.81 16.83 -39.71
N TYR B 242 10.69 15.84 -39.56
CA TYR B 242 10.29 14.49 -39.17
C TYR B 242 9.42 14.40 -37.91
N ALA B 243 9.95 14.88 -36.78
CA ALA B 243 9.25 14.85 -35.50
C ALA B 243 7.81 15.33 -35.58
N ARG B 244 7.62 16.51 -36.17
CA ARG B 244 6.30 17.09 -36.32
C ARG B 244 5.43 16.27 -37.28
N ARG B 245 5.99 15.91 -38.42
CA ARG B 245 5.27 15.13 -39.43
C ARG B 245 4.80 13.78 -38.92
N VAL B 246 5.70 13.02 -38.31
CA VAL B 246 5.36 11.70 -37.79
C VAL B 246 4.30 11.78 -36.70
N ALA B 247 4.35 12.85 -35.90
CA ALA B 247 3.38 13.05 -34.85
C ALA B 247 2.02 13.36 -35.45
N ASP B 248 2.02 14.10 -36.56
CA ASP B 248 0.78 14.45 -37.25
C ASP B 248 0.13 13.22 -37.87
N GLU B 249 0.97 12.38 -38.49
CA GLU B 249 0.48 11.16 -39.13
C GLU B 249 -0.21 10.29 -38.08
N LEU B 250 0.50 10.07 -36.98
CA LEU B 250 -0.02 9.27 -35.87
C LEU B 250 -1.39 9.81 -35.46
N ALA B 251 -1.46 11.11 -35.24
CA ALA B 251 -2.69 11.76 -34.84
C ALA B 251 -3.83 11.42 -35.81
N VAL B 252 -3.53 11.56 -37.10
CA VAL B 252 -4.51 11.30 -38.15
C VAL B 252 -5.04 9.88 -38.16
N ILE B 253 -4.14 8.90 -38.15
CA ILE B 253 -4.54 7.50 -38.19
C ILE B 253 -5.15 6.94 -36.90
N THR B 254 -5.00 7.67 -35.79
CA THR B 254 -5.56 7.21 -34.51
C THR B 254 -6.71 8.09 -34.04
N CYS B 255 -6.75 9.30 -34.56
CA CYS B 255 -7.76 10.29 -34.19
C CYS B 255 -7.53 10.83 -32.76
N ALA B 256 -6.34 10.57 -32.21
CA ALA B 256 -5.99 11.05 -30.87
C ALA B 256 -5.09 12.27 -31.06
N PRO B 257 -5.27 13.30 -30.20
CA PRO B 257 -4.48 14.54 -30.29
C PRO B 257 -3.00 14.45 -29.94
N PHE B 258 -2.26 13.56 -30.62
CA PHE B 258 -0.84 13.40 -30.38
C PHE B 258 -0.06 14.62 -30.89
N VAL B 259 1.00 14.97 -30.16
CA VAL B 259 1.84 16.11 -30.53
C VAL B 259 3.26 15.73 -30.18
N THR B 260 4.24 16.29 -30.90
CA THR B 260 5.63 15.99 -30.62
C THR B 260 6.02 16.67 -29.30
N ALA B 261 6.87 16.01 -28.51
CA ALA B 261 7.27 16.55 -27.23
C ALA B 261 8.13 17.79 -27.40
N PRO B 262 7.73 18.91 -26.76
CA PRO B 262 8.49 20.16 -26.84
C PRO B 262 9.94 20.00 -26.38
N ASN B 263 10.17 19.16 -25.38
CA ASN B 263 11.53 18.91 -24.93
C ASN B 263 11.79 17.43 -25.04
N LYS B 264 12.67 17.05 -25.95
CA LYS B 264 13.00 15.66 -26.20
C LYS B 264 13.87 15.04 -25.14
N PHE B 265 14.60 15.87 -24.41
CA PHE B 265 15.46 15.37 -23.35
C PHE B 265 14.63 14.88 -22.17
N GLU B 266 13.53 15.58 -21.91
CA GLU B 266 12.61 15.22 -20.83
C GLU B 266 11.85 13.95 -21.26
N ALA B 267 11.54 13.86 -22.54
CA ALA B 267 10.82 12.71 -23.09
C ALA B 267 11.64 11.42 -23.08
N LEU B 268 12.92 11.51 -23.41
CA LEU B 268 13.77 10.34 -23.43
C LEU B 268 14.30 9.93 -22.06
N ALA B 269 14.66 10.92 -21.25
CA ALA B 269 15.22 10.65 -19.93
C ALA B 269 14.26 10.26 -18.82
N THR B 270 12.96 10.41 -19.04
CA THR B 270 11.99 10.07 -18.00
C THR B 270 10.71 9.42 -18.51
N CYS B 271 9.90 8.96 -17.54
CA CYS B 271 8.59 8.37 -17.79
C CYS B 271 7.61 9.22 -17.00
N ASP B 272 7.98 10.47 -16.75
CA ASP B 272 7.17 11.40 -15.95
C ASP B 272 5.67 11.44 -16.30
N ALA B 273 5.34 11.49 -17.59
CA ALA B 273 3.95 11.52 -18.01
C ALA B 273 3.17 10.31 -17.49
N LEU B 274 3.81 9.15 -17.47
CA LEU B 274 3.16 7.92 -17.02
C LEU B 274 3.10 7.84 -15.49
N VAL B 275 4.12 8.35 -14.82
CA VAL B 275 4.15 8.35 -13.35
C VAL B 275 3.00 9.21 -12.86
N GLN B 276 2.79 10.33 -13.54
CA GLN B 276 1.71 11.25 -13.20
C GLN B 276 0.33 10.69 -13.58
N ALA B 277 0.22 10.13 -14.78
CA ALA B 277 -1.06 9.57 -15.22
C ALA B 277 -1.48 8.41 -14.32
N HIS B 278 -0.51 7.61 -13.90
CA HIS B 278 -0.84 6.49 -13.03
C HIS B 278 -1.28 6.99 -11.65
N GLY B 279 -0.85 8.20 -11.31
CA GLY B 279 -1.24 8.79 -10.04
C GLY B 279 -2.74 8.97 -10.00
N ALA B 280 -3.33 9.37 -11.14
CA ALA B 280 -4.78 9.54 -11.23
C ALA B 280 -5.49 8.18 -11.17
N LEU B 281 -4.85 7.16 -11.73
CA LEU B 281 -5.42 5.80 -11.73
C LEU B 281 -5.46 5.21 -10.30
N LYS B 282 -4.39 5.38 -9.52
CA LYS B 282 -4.39 4.87 -8.16
C LYS B 282 -5.43 5.63 -7.35
N GLY B 283 -5.77 6.84 -7.81
CA GLY B 283 -6.79 7.63 -7.16
C GLY B 283 -8.14 6.99 -7.44
N LEU B 284 -8.37 6.60 -8.69
CA LEU B 284 -9.63 5.97 -9.07
C LEU B 284 -9.75 4.62 -8.34
N ALA B 285 -8.63 3.92 -8.21
CA ALA B 285 -8.62 2.64 -7.51
C ALA B 285 -9.07 2.80 -6.05
N ALA B 286 -8.62 3.88 -5.40
CA ALA B 286 -9.00 4.12 -4.01
C ALA B 286 -10.50 4.42 -3.91
N SER B 287 -11.02 5.16 -4.87
CA SER B 287 -12.46 5.46 -4.89
C SER B 287 -13.28 4.21 -5.14
N LEU B 288 -12.88 3.42 -6.13
CA LEU B 288 -13.56 2.17 -6.49
C LEU B 288 -13.59 1.20 -5.32
N MET B 289 -12.48 1.12 -4.61
CA MET B 289 -12.32 0.26 -3.43
C MET B 289 -13.39 0.63 -2.39
N LYS B 290 -13.60 1.92 -2.18
CA LYS B 290 -14.58 2.38 -1.22
C LYS B 290 -16.00 2.04 -1.65
N ILE B 291 -16.31 2.25 -2.93
CA ILE B 291 -17.64 1.96 -3.46
C ILE B 291 -17.97 0.47 -3.39
N ALA B 292 -17.02 -0.36 -3.82
CA ALA B 292 -17.19 -1.80 -3.80
C ALA B 292 -17.42 -2.29 -2.36
N ASN B 293 -16.65 -1.74 -1.41
CA ASN B 293 -16.78 -2.10 -0.01
C ASN B 293 -18.15 -1.71 0.55
N ASP B 294 -18.61 -0.51 0.22
CA ASP B 294 -19.92 -0.07 0.68
C ASP B 294 -20.96 -1.05 0.19
N VAL B 295 -20.89 -1.36 -1.11
CA VAL B 295 -21.84 -2.27 -1.70
C VAL B 295 -21.87 -3.64 -1.01
N ARG B 296 -20.71 -4.24 -0.76
CA ARG B 296 -20.72 -5.54 -0.13
C ARG B 296 -21.16 -5.56 1.33
N TRP B 297 -20.86 -4.49 2.07
CA TRP B 297 -21.27 -4.42 3.47
C TRP B 297 -22.76 -4.16 3.55
N LEU B 298 -23.26 -3.32 2.67
CA LEU B 298 -24.68 -2.97 2.61
C LEU B 298 -25.55 -4.17 2.20
N ALA B 299 -24.94 -5.11 1.48
CA ALA B 299 -25.64 -6.31 1.01
C ALA B 299 -25.34 -7.51 1.89
N SER B 300 -24.51 -7.34 2.91
CA SER B 300 -24.16 -8.45 3.79
C SER B 300 -25.36 -9.05 4.51
N GLY B 301 -25.32 -10.36 4.70
CA GLY B 301 -26.39 -11.05 5.37
C GLY B 301 -26.47 -12.51 4.99
N PRO B 302 -27.68 -13.02 4.66
CA PRO B 302 -28.91 -12.22 4.65
C PRO B 302 -29.54 -11.91 6.01
N ARG B 303 -29.23 -12.73 7.01
CA ARG B 303 -29.82 -12.55 8.33
C ARG B 303 -28.94 -11.90 9.38
N CYS B 304 -27.64 -12.10 9.31
CA CYS B 304 -26.73 -11.56 10.33
C CYS B 304 -25.76 -10.45 9.90
N GLY B 305 -26.15 -9.63 8.94
CA GLY B 305 -25.31 -8.54 8.49
C GLY B 305 -26.08 -7.24 8.50
N ILE B 306 -25.92 -6.43 7.46
CA ILE B 306 -26.64 -5.17 7.35
C ILE B 306 -27.89 -5.38 6.49
N GLY B 307 -27.70 -6.05 5.35
CA GLY B 307 -28.80 -6.35 4.43
C GLY B 307 -29.72 -5.23 3.96
N GLU B 308 -29.20 -4.02 3.78
CA GLU B 308 -30.04 -2.93 3.33
C GLU B 308 -30.33 -2.99 1.84
N ILE B 309 -29.44 -3.62 1.07
CA ILE B 309 -29.63 -3.74 -0.37
C ILE B 309 -29.40 -5.18 -0.81
N SER B 310 -29.85 -5.50 -2.01
CA SER B 310 -29.65 -6.82 -2.59
C SER B 310 -29.00 -6.64 -3.95
N ILE B 311 -28.06 -7.52 -4.28
CA ILE B 311 -27.35 -7.47 -5.54
C ILE B 311 -27.66 -8.74 -6.35
N PRO B 312 -27.47 -8.71 -7.67
CA PRO B 312 -27.73 -9.88 -8.52
C PRO B 312 -26.87 -11.09 -8.12
N GLU B 313 -27.49 -12.25 -7.99
CA GLU B 313 -26.77 -13.48 -7.67
C GLU B 313 -26.40 -14.04 -9.05
N ASN B 314 -25.11 -14.06 -9.38
CA ASN B 314 -24.70 -14.52 -10.69
C ASN B 314 -24.18 -15.94 -10.81
N GLU B 315 -24.04 -16.62 -9.69
CA GLU B 315 -23.53 -17.98 -9.73
C GLU B 315 -24.17 -18.83 -8.64
N PRO B 316 -24.09 -20.17 -8.78
CA PRO B 316 -24.65 -21.13 -7.83
C PRO B 316 -23.81 -21.30 -6.54
N MET B 321 -27.17 -23.21 2.64
CA MET B 321 -26.94 -21.73 2.52
C MET B 321 -27.88 -21.15 1.46
N PRO B 322 -29.19 -21.10 1.75
CA PRO B 322 -30.21 -20.59 0.83
C PRO B 322 -29.98 -19.17 0.29
N GLY B 323 -30.25 -18.16 1.12
CA GLY B 323 -30.06 -16.79 0.67
C GLY B 323 -28.63 -16.29 0.66
N LYS B 324 -27.65 -17.19 0.80
CA LYS B 324 -26.25 -16.81 0.81
C LYS B 324 -25.81 -16.38 -0.58
N VAL B 325 -25.64 -15.07 -0.75
CA VAL B 325 -25.21 -14.50 -2.03
C VAL B 325 -23.87 -13.79 -1.83
N ASN B 326 -22.77 -14.39 -2.27
CA ASN B 326 -21.46 -13.78 -2.14
C ASN B 326 -21.30 -12.65 -3.15
N PRO B 327 -20.74 -11.50 -2.70
CA PRO B 327 -20.54 -10.33 -3.56
C PRO B 327 -19.24 -10.49 -4.38
N THR B 328 -19.21 -11.50 -5.24
CA THR B 328 -18.05 -11.82 -6.06
C THR B 328 -17.50 -10.73 -6.96
N GLN B 329 -18.38 -9.95 -7.59
CA GLN B 329 -17.95 -8.86 -8.45
C GLN B 329 -17.21 -7.83 -7.59
N CYS B 330 -17.68 -7.65 -6.36
CA CYS B 330 -17.08 -6.73 -5.41
C CYS B 330 -15.71 -7.26 -5.04
N GLU B 331 -15.58 -8.58 -4.92
CA GLU B 331 -14.31 -9.18 -4.57
C GLU B 331 -13.28 -9.07 -5.68
N ALA B 332 -13.72 -9.14 -6.93
CA ALA B 332 -12.79 -9.02 -8.04
C ALA B 332 -12.31 -7.57 -8.10
N LEU B 333 -13.24 -6.64 -7.97
CA LEU B 333 -12.92 -5.22 -8.02
C LEU B 333 -11.96 -4.77 -6.91
N THR B 334 -12.22 -5.16 -5.66
CA THR B 334 -11.31 -4.77 -4.57
C THR B 334 -9.93 -5.39 -4.78
N MET B 335 -9.88 -6.63 -5.25
CA MET B 335 -8.60 -7.27 -5.50
C MET B 335 -7.78 -6.53 -6.53
N LEU B 336 -8.41 -6.11 -7.62
CA LEU B 336 -7.67 -5.41 -8.66
C LEU B 336 -7.25 -4.00 -8.24
N CYS B 337 -7.99 -3.42 -7.30
CA CYS B 337 -7.65 -2.10 -6.79
C CYS B 337 -6.36 -2.16 -5.98
N CYS B 338 -6.13 -3.28 -5.29
CA CYS B 338 -4.90 -3.45 -4.52
C CYS B 338 -3.75 -3.59 -5.52
N GLN B 339 -4.05 -4.22 -6.65
CA GLN B 339 -3.03 -4.43 -7.67
C GLN B 339 -2.56 -3.10 -8.25
N VAL B 340 -3.50 -2.22 -8.52
CA VAL B 340 -3.15 -0.91 -9.07
C VAL B 340 -2.29 -0.13 -8.06
N MET B 341 -2.55 -0.34 -6.78
CA MET B 341 -1.79 0.32 -5.73
C MET B 341 -0.34 -0.15 -5.77
N GLY B 342 -0.14 -1.45 -5.88
CA GLY B 342 1.22 -1.99 -5.95
C GLY B 342 1.91 -1.59 -7.25
N ASN B 343 1.15 -1.60 -8.34
CA ASN B 343 1.69 -1.23 -9.65
C ASN B 343 2.23 0.20 -9.58
N ASP B 344 1.58 1.07 -8.80
CA ASP B 344 2.04 2.46 -8.69
C ASP B 344 3.43 2.56 -8.08
N VAL B 345 3.71 1.72 -7.09
CA VAL B 345 5.02 1.71 -6.45
C VAL B 345 6.09 1.22 -7.44
N ALA B 346 5.77 0.19 -8.22
CA ALA B 346 6.74 -0.32 -9.20
C ALA B 346 7.05 0.76 -10.23
N ILE B 347 6.02 1.46 -10.66
CA ILE B 347 6.14 2.53 -11.65
C ILE B 347 6.94 3.71 -11.11
N ASN B 348 6.68 4.06 -9.85
CA ASN B 348 7.39 5.16 -9.20
C ASN B 348 8.86 4.86 -9.13
N MET B 349 9.22 3.65 -8.70
CA MET B 349 10.63 3.29 -8.59
C MET B 349 11.34 3.39 -9.94
N GLY B 350 10.69 2.88 -10.99
CA GLY B 350 11.27 2.93 -12.32
C GLY B 350 11.34 4.35 -12.84
N GLY B 351 10.32 5.14 -12.53
CA GLY B 351 10.28 6.52 -12.98
C GLY B 351 11.36 7.39 -12.35
N ALA B 352 11.68 7.10 -11.10
CA ALA B 352 12.68 7.85 -10.35
C ALA B 352 14.10 7.41 -10.62
N SER B 353 14.26 6.32 -11.37
CA SER B 353 15.58 5.77 -11.67
C SER B 353 16.24 6.08 -13.01
N GLY B 354 15.81 7.13 -13.70
CA GLY B 354 16.44 7.47 -14.96
C GLY B 354 17.87 7.94 -14.71
N ASN B 355 18.76 7.71 -15.68
CA ASN B 355 20.15 8.11 -15.56
C ASN B 355 20.59 8.86 -16.82
N PHE B 356 20.92 10.14 -16.65
CA PHE B 356 21.37 10.96 -17.76
C PHE B 356 20.38 11.13 -18.91
N GLU B 357 20.77 10.71 -20.12
CA GLU B 357 19.95 10.86 -21.31
C GLU B 357 18.83 9.85 -21.55
N LEU B 358 18.82 8.75 -20.80
CA LEU B 358 17.79 7.75 -21.05
C LEU B 358 17.31 6.98 -19.83
N ASN B 359 16.00 6.79 -19.74
CA ASN B 359 15.44 6.01 -18.65
C ASN B 359 15.35 4.58 -19.19
N VAL B 360 16.06 3.66 -18.56
CA VAL B 360 16.05 2.25 -18.99
C VAL B 360 15.28 1.31 -18.06
N PHE B 361 14.05 1.71 -17.72
CA PHE B 361 13.15 0.91 -16.86
C PHE B 361 11.79 0.86 -17.57
N ARG B 362 11.80 1.19 -18.85
CA ARG B 362 10.60 1.29 -19.67
C ARG B 362 9.66 0.10 -19.87
N PRO B 363 10.20 -1.10 -20.19
CA PRO B 363 9.30 -2.25 -20.36
C PRO B 363 8.48 -2.51 -19.10
N MET B 364 9.14 -2.53 -17.94
CA MET B 364 8.49 -2.76 -16.65
C MET B 364 7.42 -1.70 -16.37
N VAL B 365 7.73 -0.44 -16.67
CA VAL B 365 6.79 0.65 -16.45
C VAL B 365 5.53 0.53 -17.33
N ILE B 366 5.71 0.29 -18.62
CA ILE B 366 4.55 0.19 -19.52
C ILE B 366 3.73 -1.06 -19.23
N HIS B 367 4.42 -2.11 -18.76
CA HIS B 367 3.78 -3.35 -18.40
C HIS B 367 2.79 -3.09 -17.26
N ASN B 368 3.26 -2.42 -16.20
CA ASN B 368 2.38 -2.12 -15.06
C ASN B 368 1.27 -1.14 -15.40
N PHE B 369 1.59 -0.13 -16.20
CA PHE B 369 0.62 0.89 -16.59
C PHE B 369 -0.55 0.34 -17.41
N LEU B 370 -0.23 -0.43 -18.44
CA LEU B 370 -1.27 -1.00 -19.27
C LEU B 370 -2.09 -2.04 -18.51
N GLN B 371 -1.48 -2.73 -17.56
CA GLN B 371 -2.22 -3.69 -16.77
C GLN B 371 -3.26 -2.98 -15.90
N SER B 372 -2.87 -1.84 -15.33
CA SER B 372 -3.80 -1.08 -14.50
C SER B 372 -4.96 -0.57 -15.31
N VAL B 373 -4.69 -0.13 -16.54
CA VAL B 373 -5.79 0.34 -17.38
C VAL B 373 -6.75 -0.82 -17.71
N ARG B 374 -6.22 -2.00 -18.04
CA ARG B 374 -7.05 -3.17 -18.35
C ARG B 374 -7.89 -3.53 -17.16
N LEU B 375 -7.24 -3.61 -16.00
CA LEU B 375 -7.91 -3.97 -14.76
C LEU B 375 -9.03 -3.00 -14.40
N LEU B 376 -8.75 -1.70 -14.45
CA LEU B 376 -9.78 -0.73 -14.12
C LEU B 376 -10.92 -0.69 -15.13
N ALA B 377 -10.58 -0.67 -16.42
CA ALA B 377 -11.61 -0.63 -17.45
C ALA B 377 -12.51 -1.86 -17.40
N ASP B 378 -11.91 -3.04 -17.47
CA ASP B 378 -12.68 -4.29 -17.44
C ASP B 378 -13.39 -4.48 -16.12
N GLY B 379 -12.73 -4.09 -15.04
CA GLY B 379 -13.32 -4.21 -13.71
C GLY B 379 -14.58 -3.39 -13.60
N MET B 380 -14.56 -2.16 -14.09
CA MET B 380 -15.74 -1.31 -14.02
C MET B 380 -16.84 -1.85 -14.92
N GLU B 381 -16.46 -2.34 -16.09
CA GLU B 381 -17.43 -2.88 -17.04
C GLU B 381 -18.14 -4.10 -16.45
N SER B 382 -17.36 -4.98 -15.83
CA SER B 382 -17.88 -6.19 -15.22
C SER B 382 -18.79 -5.83 -14.03
N PHE B 383 -18.29 -4.98 -13.14
CA PHE B 383 -19.04 -4.56 -11.95
C PHE B 383 -20.35 -3.89 -12.34
N ASN B 384 -20.29 -3.08 -13.38
CA ASN B 384 -21.47 -2.39 -13.85
C ASN B 384 -22.56 -3.32 -14.36
N LYS B 385 -22.22 -4.16 -15.34
CA LYS B 385 -23.20 -5.07 -15.93
C LYS B 385 -23.61 -6.23 -15.04
N HIS B 386 -22.74 -6.69 -14.15
CA HIS B 386 -23.06 -7.81 -13.28
C HIS B 386 -23.41 -7.49 -11.84
N CYS B 387 -23.59 -6.21 -11.54
CA CYS B 387 -23.92 -5.82 -10.18
C CYS B 387 -24.64 -4.49 -10.11
N ALA B 388 -23.92 -3.42 -10.46
CA ALA B 388 -24.47 -2.08 -10.39
C ALA B 388 -25.87 -1.85 -10.98
N VAL B 389 -26.14 -2.35 -12.18
CA VAL B 389 -27.46 -2.16 -12.80
C VAL B 389 -28.61 -2.83 -12.07
N GLY B 390 -28.29 -3.84 -11.27
CA GLY B 390 -29.32 -4.57 -10.55
C GLY B 390 -29.47 -4.33 -9.06
N ILE B 391 -28.79 -3.31 -8.53
CA ILE B 391 -28.87 -3.01 -7.10
C ILE B 391 -30.31 -2.63 -6.72
N GLU B 392 -30.84 -3.31 -5.72
CA GLU B 392 -32.20 -3.05 -5.25
C GLU B 392 -32.25 -2.88 -3.75
N PRO B 393 -33.10 -1.95 -3.27
CA PRO B 393 -33.21 -1.73 -1.83
C PRO B 393 -34.13 -2.74 -1.13
N ASN B 394 -33.73 -3.16 0.07
CA ASN B 394 -34.55 -4.07 0.87
C ASN B 394 -35.36 -3.15 1.78
N ARG B 395 -36.37 -2.51 1.21
CA ARG B 395 -37.22 -1.57 1.92
C ARG B 395 -37.69 -1.97 3.31
N GLU B 396 -38.02 -3.23 3.50
CA GLU B 396 -38.47 -3.72 4.80
C GLU B 396 -37.33 -3.70 5.82
N ARG B 397 -36.17 -4.22 5.43
CA ARG B 397 -35.01 -4.26 6.31
C ARG B 397 -34.58 -2.84 6.67
N ILE B 398 -34.56 -1.96 5.67
CA ILE B 398 -34.18 -0.56 5.88
C ILE B 398 -35.06 0.07 6.96
N ASN B 399 -36.38 -0.07 6.79
CA ASN B 399 -37.33 0.48 7.75
C ASN B 399 -37.24 -0.17 9.12
N GLN B 400 -36.90 -1.45 9.16
CA GLN B 400 -36.75 -2.12 10.44
C GLN B 400 -35.59 -1.47 11.17
N LEU B 401 -34.48 -1.27 10.46
CA LEU B 401 -33.30 -0.66 11.05
C LEU B 401 -33.59 0.74 11.61
N LEU B 402 -34.25 1.58 10.82
CA LEU B 402 -34.60 2.93 11.26
C LEU B 402 -35.40 2.94 12.56
N ASN B 403 -36.46 2.16 12.59
CA ASN B 403 -37.33 2.08 13.77
C ASN B 403 -36.70 1.47 15.02
N GLU B 404 -35.59 0.76 14.85
CA GLU B 404 -34.90 0.15 15.98
C GLU B 404 -33.77 1.04 16.50
N SER B 405 -33.45 2.08 15.76
CA SER B 405 -32.38 2.96 16.19
C SER B 405 -32.78 4.03 17.20
N LEU B 406 -31.78 4.50 17.92
CA LEU B 406 -31.96 5.54 18.92
C LEU B 406 -31.69 6.92 18.31
N MET B 407 -31.24 6.94 17.06
CA MET B 407 -30.89 8.18 16.37
C MET B 407 -32.01 9.11 15.97
N LEU B 408 -33.25 8.67 16.08
CA LEU B 408 -34.38 9.49 15.69
C LEU B 408 -34.96 10.34 16.82
N VAL B 409 -34.46 10.17 18.04
CA VAL B 409 -34.96 10.90 19.19
C VAL B 409 -34.91 12.43 18.99
N THR B 410 -34.01 12.88 18.12
CA THR B 410 -33.85 14.29 17.82
C THR B 410 -35.16 14.99 17.43
N ALA B 411 -36.04 14.27 16.75
CA ALA B 411 -37.33 14.83 16.32
C ALA B 411 -38.28 15.18 17.46
N LEU B 412 -37.98 14.66 18.65
CA LEU B 412 -38.82 14.91 19.82
C LEU B 412 -38.49 16.21 20.51
N ASN B 413 -37.23 16.65 20.37
CA ASN B 413 -36.75 17.88 21.00
C ASN B 413 -37.69 19.07 20.91
N THR B 414 -38.12 19.43 19.70
CA THR B 414 -39.00 20.58 19.52
C THR B 414 -40.39 20.45 20.16
N HIS B 415 -40.78 19.23 20.51
CA HIS B 415 -42.10 19.01 21.09
C HIS B 415 -42.10 18.85 22.60
N ILE B 416 -41.16 18.07 23.12
CA ILE B 416 -41.11 17.84 24.56
C ILE B 416 -39.85 18.33 25.27
N GLY B 417 -38.96 18.98 24.53
CA GLY B 417 -37.74 19.48 25.14
C GLY B 417 -36.60 18.47 25.10
N TYR B 418 -35.38 18.97 25.15
CA TYR B 418 -34.19 18.13 25.11
C TYR B 418 -34.02 17.17 26.29
N ASP B 419 -34.30 17.66 27.50
CA ASP B 419 -34.14 16.83 28.69
C ASP B 419 -35.00 15.58 28.71
N LYS B 420 -36.27 15.70 28.36
CA LYS B 420 -37.15 14.53 28.32
C LYS B 420 -36.78 13.57 27.19
N ALA B 421 -36.39 14.13 26.05
CA ALA B 421 -35.98 13.36 24.88
C ALA B 421 -34.75 12.52 25.23
N ALA B 422 -33.77 13.14 25.86
CA ALA B 422 -32.55 12.45 26.27
C ALA B 422 -32.88 11.36 27.31
N GLU B 423 -33.88 11.62 28.15
CA GLU B 423 -34.26 10.63 29.15
C GLU B 423 -34.81 9.39 28.47
N ILE B 424 -35.65 9.61 27.45
CA ILE B 424 -36.24 8.52 26.69
C ILE B 424 -35.14 7.71 26.01
N ALA B 425 -34.19 8.41 25.39
CA ALA B 425 -33.07 7.78 24.71
C ALA B 425 -32.27 6.91 25.69
N LYS B 426 -32.01 7.45 26.88
CA LYS B 426 -31.27 6.72 27.90
C LYS B 426 -32.01 5.48 28.37
N LYS B 427 -33.31 5.61 28.62
CA LYS B 427 -34.15 4.51 29.08
C LYS B 427 -34.13 3.40 28.02
N ALA B 428 -34.49 3.76 26.79
CA ALA B 428 -34.51 2.80 25.68
C ALA B 428 -33.17 2.09 25.54
N HIS B 429 -32.09 2.85 25.67
CA HIS B 429 -30.76 2.29 25.54
C HIS B 429 -30.42 1.33 26.68
N LYS B 430 -30.73 1.73 27.91
CA LYS B 430 -30.42 0.89 29.05
C LYS B 430 -31.27 -0.36 29.17
N GLU B 431 -32.53 -0.26 28.76
CA GLU B 431 -33.46 -1.38 28.86
C GLU B 431 -33.68 -2.20 27.59
N GLY B 432 -33.01 -1.82 26.50
CA GLY B 432 -33.16 -2.53 25.24
C GLY B 432 -34.54 -2.37 24.64
N LEU B 433 -35.01 -1.14 24.61
CA LEU B 433 -36.33 -0.83 24.07
C LEU B 433 -36.22 0.12 22.89
N THR B 434 -37.28 0.20 22.11
CA THR B 434 -37.34 1.11 20.98
C THR B 434 -37.69 2.48 21.56
N LEU B 435 -37.46 3.54 20.80
CA LEU B 435 -37.78 4.89 21.27
C LEU B 435 -39.25 5.02 21.64
N LYS B 436 -40.13 4.46 20.82
CA LYS B 436 -41.57 4.53 21.09
C LYS B 436 -41.93 3.83 22.39
N ALA B 437 -41.38 2.64 22.60
CA ALA B 437 -41.63 1.85 23.80
C ALA B 437 -41.22 2.64 25.05
N ALA B 438 -40.00 3.20 25.03
CA ALA B 438 -39.51 3.99 26.15
C ALA B 438 -40.38 5.23 26.39
N ALA B 439 -40.72 5.93 25.31
CA ALA B 439 -41.55 7.14 25.39
C ALA B 439 -42.91 6.85 26.04
N LEU B 440 -43.52 5.74 25.63
CA LEU B 440 -44.82 5.31 26.13
C LEU B 440 -44.75 4.80 27.57
N ALA B 441 -43.68 4.10 27.91
CA ALA B 441 -43.49 3.55 29.26
C ALA B 441 -43.44 4.69 30.27
N LEU B 442 -42.86 5.81 29.84
CA LEU B 442 -42.72 7.01 30.64
C LEU B 442 -43.99 7.84 30.62
N GLY B 443 -44.75 7.74 29.54
CA GLY B 443 -45.98 8.50 29.42
C GLY B 443 -45.75 9.95 29.01
N TYR B 444 -44.66 10.19 28.29
CA TYR B 444 -44.34 11.55 27.85
C TYR B 444 -45.15 11.98 26.62
N LEU B 445 -45.72 10.99 25.94
CA LEU B 445 -46.53 11.25 24.75
C LEU B 445 -47.35 10.01 24.40
N SER B 446 -48.27 10.16 23.45
CA SER B 446 -49.10 9.06 22.99
C SER B 446 -48.44 8.47 21.74
N GLU B 447 -48.83 7.26 21.37
CA GLU B 447 -48.29 6.58 20.20
C GLU B 447 -48.61 7.39 18.95
N ALA B 448 -49.81 7.95 18.89
CA ALA B 448 -50.22 8.77 17.76
C ALA B 448 -49.26 9.94 17.61
N GLU B 449 -48.98 10.61 18.73
CA GLU B 449 -48.06 11.74 18.72
C GLU B 449 -46.66 11.32 18.26
N PHE B 450 -46.19 10.17 18.73
CA PHE B 450 -44.88 9.69 18.33
C PHE B 450 -44.87 9.56 16.80
N ASP B 451 -45.87 8.86 16.29
CA ASP B 451 -46.02 8.62 14.85
C ASP B 451 -46.08 9.89 14.01
N SER B 452 -46.67 10.94 14.57
CA SER B 452 -46.79 12.20 13.85
C SER B 452 -45.53 13.05 13.96
N TRP B 453 -44.84 12.94 15.10
CA TRP B 453 -43.65 13.72 15.39
C TRP B 453 -42.35 13.22 14.78
N VAL B 454 -42.08 11.93 14.91
CA VAL B 454 -40.85 11.38 14.37
C VAL B 454 -40.98 10.94 12.91
N ARG B 455 -40.79 11.89 11.99
CA ARG B 455 -40.87 11.59 10.57
C ARG B 455 -39.46 11.60 10.02
N PRO B 456 -38.83 10.42 9.89
CA PRO B 456 -37.47 10.36 9.36
C PRO B 456 -37.26 11.04 8.01
N GLU B 457 -38.33 11.20 7.23
CA GLU B 457 -38.24 11.83 5.92
C GLU B 457 -37.84 13.29 6.01
N GLN B 458 -38.07 13.91 7.16
CA GLN B 458 -37.70 15.31 7.34
C GLN B 458 -36.35 15.47 8.04
N MET B 459 -35.40 14.59 7.70
CA MET B 459 -34.05 14.61 8.26
C MET B 459 -33.20 15.73 7.62
C1 MLT C . 39.59 18.26 17.06
O1 MLT C . 38.46 18.12 16.94
O2 MLT C . 40.37 17.29 17.31
C2 MLT C . 40.20 19.59 16.74
O3 MLT C . 39.86 19.79 15.35
C3 MLT C . 40.43 20.52 17.92
C4 MLT C . 39.25 21.12 18.57
O4 MLT C . 39.07 20.92 19.80
O5 MLT C . 38.33 21.55 17.83
C1 PMA D . 35.37 9.85 7.38
C2 PMA D . 34.68 10.72 8.25
C3 PMA D . 35.05 9.83 6.02
C4 PMA D . 33.39 11.58 6.36
C5 PMA D . 34.01 10.63 5.52
C6 PMA D . 33.72 11.60 7.72
C7 PMA D . 32.41 12.54 5.84
C8 PMA D . 33.59 10.44 4.11
C9 PMA D . 36.46 8.92 7.85
C10 PMA D . 34.94 10.74 9.75
O1 PMA D . 36.26 7.76 8.00
O2 PMA D . 37.68 9.41 8.09
O3 PMA D . 36.18 10.48 10.26
O4 PMA D . 34.12 10.99 10.74
O5 PMA D . 31.21 12.19 5.73
O6 PMA D . 32.73 13.73 5.48
O7 PMA D . 33.43 9.25 3.65
O8 PMA D . 33.35 11.27 3.28
C1 MLT E . 19.56 -4.25 -41.99
O1 MLT E . 19.17 -4.52 -40.94
O2 MLT E . 19.17 -3.20 -42.59
C2 MLT E . 20.68 -5.04 -42.58
O3 MLT E . 21.66 -5.09 -41.51
C3 MLT E . 20.29 -5.97 -43.73
C4 MLT E . 19.58 -7.23 -43.40
O4 MLT E . 18.51 -7.48 -44.01
O5 MLT E . 19.89 -7.81 -42.31
C1 PMA F . 20.28 3.27 -30.97
C2 PMA F . 19.83 1.99 -31.42
C3 PMA F . 20.77 3.40 -29.66
C4 PMA F . 20.64 0.99 -29.34
C5 PMA F . 21.04 2.27 -28.88
C6 PMA F . 20.10 0.86 -30.62
C7 PMA F . 20.79 -0.22 -28.48
C8 PMA F . 21.75 2.46 -27.58
C9 PMA F . 20.24 4.51 -31.87
C10 PMA F . 19.07 1.78 -32.71
O1 PMA F . 19.31 5.50 -31.66
O2 PMA F . 21.01 4.83 -32.88
O3 PMA F . 19.61 1.34 -33.68
O4 PMA F . 17.78 2.12 -32.78
O5 PMA F . 20.08 -0.59 -27.57
O6 PMA F . 21.75 -1.03 -28.70
O7 PMA F . 21.68 3.55 -26.90
O8 PMA F . 22.43 1.53 -27.13
#